data_4UCK
#
_entry.id   4UCK
#
_cell.length_a   80.340
_cell.length_b   84.350
_cell.length_c   181.740
_cell.angle_alpha   90.00
_cell.angle_beta   90.00
_cell.angle_gamma   90.00
#
_symmetry.space_group_name_H-M   'P 21 21 21'
#
loop_
_entity.id
_entity.type
_entity.pdbx_description
1 polymer 'RNA-DIRECTED RNA POLYMERASE L'
2 non-polymer 'ZINC ION'
3 non-polymer S-ADENOSYLMETHIONINE
4 water water
#
_entity_poly.entity_id   1
_entity_poly.type   'polypeptide(L)'
_entity_poly.pdbx_seq_one_letter_code
;MALLTPIPSPMVNLTQVIDPTEQLAYFPKITFERLKNYDTSSNYAKGKLTRNYMILLPWQHVNRYNFVFSSTGCKVSLKT
CIGKLMKDLNPKVLYFIGEGAGNWMARTACEYPDIKFVYRSLKDDLDHHYPLEYQRVIGELSRIIDSGEGLSMETTDATQ
KTHWDLIHRVSKDALLITLCDAEFKDRDDFFKMVILWRKHVLSCRICTTYGTDLYLFAKYHAKDCNVKLPFFVRSVATFI
MQGSKLSGSECYILLTLGHHNNLPCHGEIQNSKMKIAVCNDFYAAKKLDNKSIEANCKSLLSGLRIPINKKELNRQRRLL
TLQSNHSSVATVGGSKVIESKWLTNKANTIIDWLEHILNSPKGELNYDFFEALENTYPNMIKLIDNLGNAEIKKLIEVTG
YMLVSKKSGHHHHHH
;
_entity_poly.pdbx_strand_id   A,B
#
loop_
_chem_comp.id
_chem_comp.type
_chem_comp.name
_chem_comp.formula
SAM non-polymer S-ADENOSYLMETHIONINE 'C15 H22 N6 O5 S'
ZN non-polymer 'ZINC ION' 'Zn 2'
#
# COMPACT_ATOMS: atom_id res chain seq x y z
N ILE A 18 -12.62 35.03 12.08
CA ILE A 18 -11.73 34.12 11.33
C ILE A 18 -12.50 33.36 10.25
N ASP A 19 -11.83 33.14 9.08
CA ASP A 19 -12.42 32.49 7.91
C ASP A 19 -12.46 30.97 8.06
N PRO A 20 -13.66 30.33 8.05
CA PRO A 20 -13.73 28.87 8.23
C PRO A 20 -12.96 28.05 7.19
N THR A 21 -13.06 28.40 5.88
CA THR A 21 -12.35 27.69 4.81
C THR A 21 -10.82 27.77 4.95
N GLU A 22 -10.33 28.86 5.57
CA GLU A 22 -8.91 29.11 5.84
C GLU A 22 -8.41 28.13 6.92
N GLN A 23 -9.26 27.86 7.94
CA GLN A 23 -8.98 26.95 9.07
C GLN A 23 -8.91 25.49 8.65
N LEU A 24 -9.54 25.13 7.51
CA LEU A 24 -9.61 23.79 6.97
C LEU A 24 -8.24 23.16 6.69
N ALA A 25 -7.22 24.00 6.41
CA ALA A 25 -5.83 23.59 6.13
C ALA A 25 -5.13 22.97 7.34
N TYR A 26 -5.68 23.16 8.56
CA TYR A 26 -5.11 22.59 9.78
C TYR A 26 -5.58 21.15 10.00
N PHE A 27 -6.61 20.72 9.25
CA PHE A 27 -7.15 19.36 9.29
C PHE A 27 -6.44 18.46 8.27
N PRO A 28 -6.04 17.23 8.63
CA PRO A 28 -5.37 16.36 7.66
C PRO A 28 -6.37 15.70 6.69
N LYS A 29 -5.87 15.25 5.53
CA LYS A 29 -6.68 14.56 4.52
C LYS A 29 -7.03 13.20 5.10
N ILE A 30 -8.28 12.77 4.91
CA ILE A 30 -8.84 11.51 5.42
C ILE A 30 -8.79 10.40 4.38
N THR A 31 -8.29 9.23 4.80
CA THR A 31 -8.22 7.97 4.03
C THR A 31 -9.27 7.06 4.63
N PHE A 32 -10.09 6.45 3.77
CA PHE A 32 -11.18 5.58 4.20
C PHE A 32 -11.60 4.63 3.08
N GLU A 33 -12.45 3.65 3.41
CA GLU A 33 -13.04 2.70 2.48
C GLU A 33 -14.55 2.71 2.65
N ARG A 34 -15.30 2.76 1.55
CA ARG A 34 -16.75 2.74 1.56
C ARG A 34 -17.21 1.37 1.09
N LEU A 35 -18.04 0.70 1.90
CA LEU A 35 -18.61 -0.60 1.55
C LEU A 35 -20.10 -0.36 1.34
N LYS A 36 -20.55 -0.43 0.08
CA LYS A 36 -21.97 -0.23 -0.27
C LYS A 36 -22.76 -1.51 0.01
N ASN A 37 -24.01 -1.35 0.50
CA ASN A 37 -24.89 -2.47 0.86
C ASN A 37 -25.69 -2.95 -0.33
N TYR A 44 -16.37 -18.35 -5.38
CA TYR A 44 -15.25 -17.48 -5.03
C TYR A 44 -15.30 -17.01 -3.56
N ALA A 45 -14.34 -17.50 -2.74
CA ALA A 45 -14.18 -17.13 -1.32
C ALA A 45 -13.26 -15.91 -1.26
N LYS A 46 -13.71 -14.85 -0.54
CA LYS A 46 -13.03 -13.56 -0.40
C LYS A 46 -11.52 -13.66 -0.02
N GLY A 47 -11.21 -14.31 1.10
CA GLY A 47 -9.84 -14.42 1.60
C GLY A 47 -9.63 -13.47 2.76
N LYS A 48 -8.63 -13.76 3.61
CA LYS A 48 -8.36 -13.00 4.81
C LYS A 48 -6.99 -12.33 4.81
N LEU A 49 -6.99 -11.01 5.02
CA LEU A 49 -5.79 -10.20 5.10
C LEU A 49 -5.51 -9.94 6.56
N THR A 50 -4.36 -10.43 7.03
CA THR A 50 -3.90 -10.28 8.41
C THR A 50 -2.48 -9.75 8.46
N ARG A 51 -2.23 -8.91 9.46
CA ARG A 51 -0.93 -8.32 9.76
C ARG A 51 -0.90 -7.96 11.22
N ASN A 52 -0.07 -8.65 12.00
CA ASN A 52 0.03 -8.35 13.43
C ASN A 52 1.06 -7.25 13.66
N TYR A 53 0.61 -6.01 13.76
CA TYR A 53 1.54 -4.93 14.04
C TYR A 53 1.89 -4.98 15.51
N MET A 54 3.18 -5.10 15.83
CA MET A 54 3.60 -5.15 17.22
C MET A 54 3.73 -3.73 17.78
N ILE A 55 2.56 -3.13 18.08
CA ILE A 55 2.43 -1.76 18.57
C ILE A 55 1.61 -1.72 19.85
N LEU A 56 1.98 -0.83 20.78
CA LEU A 56 1.29 -0.63 22.04
C LEU A 56 0.69 0.78 22.16
N LEU A 57 1.16 1.73 21.33
CA LEU A 57 0.75 3.13 21.36
C LEU A 57 -0.44 3.49 20.41
N PRO A 58 -1.29 4.49 20.76
CA PRO A 58 -2.42 4.86 19.88
C PRO A 58 -1.94 5.76 18.73
N TRP A 59 -1.28 5.14 17.75
CA TRP A 59 -0.69 5.81 16.60
C TRP A 59 -1.66 6.55 15.70
N GLN A 60 -2.97 6.32 15.81
CA GLN A 60 -3.98 7.03 15.00
C GLN A 60 -4.04 8.56 15.30
N HIS A 61 -3.45 8.98 16.44
CA HIS A 61 -3.34 10.38 16.88
C HIS A 61 -2.10 11.08 16.30
N VAL A 62 -1.27 10.34 15.50
CA VAL A 62 -0.03 10.82 14.89
C VAL A 62 -0.19 12.13 14.09
N ASN A 63 -1.34 12.33 13.43
CA ASN A 63 -1.55 13.51 12.59
C ASN A 63 -2.60 14.46 13.17
N ARG A 64 -2.75 14.45 14.51
CA ARG A 64 -3.76 15.25 15.20
C ARG A 64 -3.20 16.35 16.12
N TYR A 65 -1.92 16.70 15.96
CA TYR A 65 -1.18 17.70 16.75
C TYR A 65 -1.74 19.14 16.70
N ASN A 66 -2.54 19.49 15.67
CA ASN A 66 -3.12 20.83 15.53
C ASN A 66 -4.40 21.03 16.34
N PHE A 67 -4.86 19.99 17.07
CA PHE A 67 -6.10 20.01 17.83
C PHE A 67 -5.87 19.67 19.29
N VAL A 68 -6.53 20.43 20.18
CA VAL A 68 -6.34 20.38 21.64
C VAL A 68 -7.36 19.47 22.40
N PHE A 69 -8.64 19.86 22.48
CA PHE A 69 -9.68 19.19 23.29
C PHE A 69 -10.27 17.92 22.71
N SER A 70 -10.32 17.80 21.39
CA SER A 70 -10.79 16.64 20.63
C SER A 70 -10.26 16.74 19.22
N SER A 71 -10.25 15.63 18.49
CA SER A 71 -9.65 15.60 17.16
C SER A 71 -10.34 14.68 16.17
N THR A 72 -11.65 14.36 16.39
CA THR A 72 -12.47 13.47 15.55
C THR A 72 -12.49 13.87 14.06
N GLY A 73 -12.40 15.17 13.79
CA GLY A 73 -12.34 15.73 12.45
C GLY A 73 -11.13 15.30 11.65
N CYS A 74 -10.08 14.78 12.33
CA CYS A 74 -8.86 14.25 11.68
C CYS A 74 -9.13 12.84 11.14
N LYS A 75 -10.15 12.16 11.71
CA LYS A 75 -10.59 10.81 11.38
C LYS A 75 -11.77 10.76 10.40
N VAL A 76 -12.86 11.50 10.70
CA VAL A 76 -14.10 11.54 9.91
C VAL A 76 -14.41 12.95 9.39
N SER A 77 -14.95 13.03 8.16
CA SER A 77 -15.34 14.26 7.46
C SER A 77 -16.62 14.02 6.66
N LEU A 78 -17.55 14.99 6.68
CA LEU A 78 -18.78 14.86 5.91
C LEU A 78 -18.54 15.10 4.43
N LYS A 79 -17.66 16.07 4.07
CA LYS A 79 -17.32 16.38 2.68
C LYS A 79 -16.60 15.22 2.00
N THR A 80 -15.71 14.53 2.74
CA THR A 80 -14.94 13.39 2.23
C THR A 80 -15.80 12.13 2.08
N CYS A 81 -16.58 11.77 3.12
CA CYS A 81 -17.35 10.53 3.14
C CYS A 81 -18.74 10.63 2.50
N ILE A 82 -19.53 11.67 2.82
CA ILE A 82 -20.91 11.80 2.32
C ILE A 82 -21.14 13.13 1.54
N GLY A 83 -20.11 13.60 0.83
CA GLY A 83 -20.12 14.83 0.05
C GLY A 83 -21.25 14.98 -0.95
N LYS A 84 -21.59 13.88 -1.64
CA LYS A 84 -22.67 13.84 -2.63
C LYS A 84 -24.03 14.05 -1.96
N LEU A 85 -24.28 13.33 -0.83
CA LEU A 85 -25.52 13.44 -0.05
C LEU A 85 -25.69 14.85 0.50
N MET A 86 -24.56 15.47 0.92
CA MET A 86 -24.52 16.83 1.44
C MET A 86 -24.95 17.81 0.36
N LYS A 87 -24.46 17.58 -0.89
CA LYS A 87 -24.77 18.38 -2.08
C LYS A 87 -26.24 18.20 -2.46
N ASP A 88 -26.70 16.93 -2.52
CA ASP A 88 -28.06 16.54 -2.91
C ASP A 88 -29.14 16.99 -1.93
N LEU A 89 -28.96 16.72 -0.63
CA LEU A 89 -29.96 17.12 0.38
C LEU A 89 -29.93 18.61 0.68
N ASN A 90 -28.72 19.23 0.58
CA ASN A 90 -28.45 20.65 0.83
C ASN A 90 -29.11 21.10 2.16
N PRO A 91 -28.64 20.55 3.32
CA PRO A 91 -29.27 20.93 4.60
C PRO A 91 -28.84 22.32 5.02
N LYS A 92 -29.76 23.06 5.66
CA LYS A 92 -29.44 24.38 6.15
C LYS A 92 -28.98 24.26 7.62
N VAL A 93 -29.37 23.15 8.28
CA VAL A 93 -29.06 22.81 9.68
C VAL A 93 -28.63 21.36 9.73
N LEU A 94 -27.54 21.08 10.49
CA LEU A 94 -27.06 19.71 10.76
C LEU A 94 -27.25 19.42 12.25
N TYR A 95 -27.66 18.19 12.58
CA TYR A 95 -27.86 17.75 13.96
C TYR A 95 -26.72 16.87 14.42
N PHE A 96 -25.89 17.35 15.37
CA PHE A 96 -24.75 16.61 15.93
C PHE A 96 -25.06 16.14 17.34
N ILE A 97 -25.22 14.82 17.51
CA ILE A 97 -25.50 14.20 18.80
C ILE A 97 -24.27 13.39 19.25
N GLY A 98 -24.07 13.28 20.57
CA GLY A 98 -22.91 12.64 21.19
C GLY A 98 -21.61 13.24 20.68
N GLU A 99 -21.55 14.57 20.61
CA GLU A 99 -20.51 15.37 19.98
C GLU A 99 -19.38 15.96 20.87
N GLY A 100 -19.38 15.71 22.18
CA GLY A 100 -18.32 16.18 23.08
C GLY A 100 -17.79 17.60 22.81
N ALA A 101 -16.46 17.74 22.54
CA ALA A 101 -15.87 19.06 22.29
C ALA A 101 -16.16 19.64 20.89
N GLY A 102 -16.74 18.81 20.02
CA GLY A 102 -17.17 19.22 18.69
C GLY A 102 -16.11 19.51 17.64
N ASN A 103 -15.07 18.67 17.52
CA ASN A 103 -14.04 18.83 16.49
C ASN A 103 -14.61 18.41 15.12
N TRP A 104 -15.50 17.40 15.12
CA TRP A 104 -16.14 16.91 13.90
C TRP A 104 -17.05 18.01 13.33
N MET A 105 -17.85 18.64 14.21
CA MET A 105 -18.74 19.77 13.90
C MET A 105 -17.92 20.95 13.41
N ALA A 106 -16.73 21.19 14.02
CA ALA A 106 -15.81 22.28 13.66
C ALA A 106 -15.28 22.08 12.24
N ARG A 107 -14.89 20.86 11.85
CA ARG A 107 -14.44 20.57 10.49
C ARG A 107 -15.57 20.82 9.49
N THR A 108 -16.80 20.38 9.84
CA THR A 108 -18.01 20.55 9.04
C THR A 108 -18.31 22.04 8.81
N ALA A 109 -18.06 22.88 9.84
CA ALA A 109 -18.24 24.33 9.80
C ALA A 109 -17.22 25.00 8.88
N CYS A 110 -16.07 24.33 8.64
CA CYS A 110 -15.00 24.79 7.74
C CYS A 110 -15.29 24.36 6.30
N GLU A 111 -15.87 23.16 6.11
CA GLU A 111 -16.19 22.60 4.80
C GLU A 111 -17.47 23.24 4.23
N TYR A 112 -18.49 23.44 5.07
CA TYR A 112 -19.78 24.02 4.71
C TYR A 112 -19.97 25.30 5.53
N PRO A 113 -19.45 26.46 5.04
CA PRO A 113 -19.47 27.68 5.85
C PRO A 113 -20.82 28.36 6.09
N ASP A 114 -21.87 27.96 5.39
CA ASP A 114 -23.19 28.57 5.55
C ASP A 114 -24.15 27.70 6.40
N ILE A 115 -23.68 26.53 6.87
CA ILE A 115 -24.50 25.61 7.65
C ILE A 115 -24.56 26.02 9.14
N LYS A 116 -25.77 25.94 9.70
CA LYS A 116 -26.07 26.17 11.10
C LYS A 116 -26.13 24.78 11.77
N PHE A 117 -25.96 24.72 13.11
CA PHE A 117 -25.92 23.45 13.83
C PHE A 117 -26.80 23.42 15.07
N VAL A 118 -27.24 22.20 15.42
CA VAL A 118 -27.94 21.85 16.64
C VAL A 118 -27.00 20.83 17.27
N TYR A 119 -26.46 21.19 18.44
CA TYR A 119 -25.49 20.37 19.16
C TYR A 119 -26.11 19.72 20.39
N ARG A 120 -25.75 18.45 20.62
CA ARG A 120 -26.15 17.66 21.77
C ARG A 120 -25.02 16.72 22.13
N SER A 121 -24.77 16.54 23.42
CA SER A 121 -23.81 15.59 23.98
C SER A 121 -24.20 15.33 25.43
N LEU A 122 -24.03 14.08 25.91
CA LEU A 122 -24.39 13.71 27.28
C LEU A 122 -23.73 14.60 28.31
N LYS A 123 -24.54 15.22 29.18
CA LYS A 123 -24.01 16.08 30.23
C LYS A 123 -24.27 15.52 31.61
N ASP A 124 -23.23 15.50 32.45
CA ASP A 124 -23.27 15.00 33.83
C ASP A 124 -23.89 16.01 34.83
N ASP A 125 -23.95 17.31 34.46
CA ASP A 125 -24.49 18.39 35.30
C ASP A 125 -25.27 19.46 34.50
N LEU A 126 -26.00 20.34 35.25
CA LEU A 126 -26.81 21.45 34.72
C LEU A 126 -25.99 22.72 34.41
N ASP A 127 -24.66 22.66 34.66
CA ASP A 127 -23.67 23.72 34.43
C ASP A 127 -23.61 24.13 32.95
N HIS A 128 -23.31 25.42 32.68
CA HIS A 128 -23.21 25.96 31.32
C HIS A 128 -22.00 25.37 30.57
N HIS A 129 -22.31 24.53 29.58
CA HIS A 129 -21.33 23.87 28.74
C HIS A 129 -21.41 24.37 27.29
N TYR A 130 -20.32 24.14 26.52
CA TYR A 130 -20.20 24.54 25.12
C TYR A 130 -19.08 23.73 24.43
N PRO A 131 -19.29 23.22 23.18
CA PRO A 131 -18.23 22.47 22.49
C PRO A 131 -16.92 23.25 22.36
N LEU A 132 -16.00 22.96 23.26
CA LEU A 132 -14.68 23.57 23.46
C LEU A 132 -13.82 23.65 22.20
N GLU A 133 -13.77 22.57 21.41
CA GLU A 133 -13.00 22.52 20.17
C GLU A 133 -13.59 23.37 19.06
N TYR A 134 -14.94 23.38 18.92
CA TYR A 134 -15.63 24.20 17.93
C TYR A 134 -15.32 25.68 18.18
N GLN A 135 -15.43 26.12 19.45
CA GLN A 135 -15.14 27.49 19.88
C GLN A 135 -13.71 27.88 19.53
N ARG A 136 -12.74 27.00 19.79
CA ARG A 136 -11.32 27.22 19.50
C ARG A 136 -11.05 27.34 18.00
N VAL A 137 -11.62 26.42 17.18
CA VAL A 137 -11.43 26.38 15.72
C VAL A 137 -12.19 27.50 14.99
N ILE A 138 -13.52 27.62 15.22
CA ILE A 138 -14.40 28.58 14.53
C ILE A 138 -14.33 30.00 15.15
N GLY A 139 -14.04 30.10 16.44
CA GLY A 139 -13.92 31.40 17.12
C GLY A 139 -15.12 31.74 17.97
N GLU A 140 -16.32 31.71 17.37
CA GLU A 140 -17.58 32.04 18.03
C GLU A 140 -18.60 30.88 17.89
N LEU A 141 -19.74 30.98 18.60
CA LEU A 141 -20.78 29.96 18.56
C LEU A 141 -22.05 30.41 17.84
N SER A 142 -22.00 31.52 17.09
CA SER A 142 -23.14 32.10 16.36
C SER A 142 -23.85 31.13 15.41
N ARG A 143 -23.12 30.15 14.82
CA ARG A 143 -23.70 29.16 13.91
C ARG A 143 -24.33 27.97 14.65
N ILE A 144 -24.04 27.80 15.95
CA ILE A 144 -24.67 26.76 16.77
C ILE A 144 -25.93 27.42 17.34
N ILE A 145 -27.05 27.23 16.63
CA ILE A 145 -28.34 27.83 16.96
C ILE A 145 -28.98 27.19 18.20
N ASP A 146 -28.57 25.95 18.56
CA ASP A 146 -29.02 25.25 19.74
C ASP A 146 -27.83 24.48 20.28
N SER A 147 -27.26 24.92 21.40
CA SER A 147 -26.10 24.28 22.01
C SER A 147 -26.48 23.40 23.23
N GLY A 148 -27.77 23.14 23.39
CA GLY A 148 -28.30 22.33 24.47
C GLY A 148 -28.23 22.99 25.83
N GLU A 149 -28.22 24.34 25.86
CA GLU A 149 -28.14 25.14 27.07
C GLU A 149 -29.42 25.02 27.90
N GLY A 150 -29.24 24.78 29.21
CA GLY A 150 -30.33 24.59 30.15
C GLY A 150 -31.00 23.25 30.08
N LEU A 151 -30.39 22.27 29.38
CA LEU A 151 -30.94 20.93 29.23
C LEU A 151 -30.50 19.94 30.29
N SER A 152 -31.49 19.14 30.76
CA SER A 152 -31.40 18.06 31.74
C SER A 152 -30.41 16.98 31.26
N MET A 153 -30.03 16.04 32.13
CA MET A 153 -29.10 14.95 31.79
C MET A 153 -29.71 13.98 30.78
N GLU A 154 -31.01 13.65 30.97
CA GLU A 154 -31.75 12.77 30.08
C GLU A 154 -32.05 13.43 28.74
N THR A 155 -32.31 14.76 28.73
CA THR A 155 -32.61 15.51 27.50
C THR A 155 -31.36 15.68 26.61
N THR A 156 -30.17 15.31 27.12
CA THR A 156 -28.88 15.33 26.42
C THR A 156 -28.40 13.91 26.09
N ASP A 157 -29.13 12.89 26.57
CA ASP A 157 -28.85 11.46 26.38
C ASP A 157 -29.58 10.93 25.14
N ALA A 158 -28.84 10.60 24.09
CA ALA A 158 -29.33 10.06 22.81
C ALA A 158 -30.18 8.77 22.92
N THR A 159 -30.09 8.08 24.06
CA THR A 159 -30.83 6.85 24.33
C THR A 159 -32.17 7.11 25.05
N GLN A 160 -32.52 8.40 25.27
CA GLN A 160 -33.74 8.84 25.96
C GLN A 160 -34.70 9.53 25.00
N LYS A 161 -36.01 9.18 25.10
CA LYS A 161 -37.10 9.73 24.29
C LYS A 161 -37.17 11.26 24.37
N THR A 162 -36.95 11.81 25.56
CA THR A 162 -36.99 13.24 25.84
C THR A 162 -35.92 14.04 25.06
N HIS A 163 -34.74 13.43 24.77
CA HIS A 163 -33.66 14.04 23.99
C HIS A 163 -34.14 14.36 22.60
N TRP A 164 -34.85 13.41 21.99
CA TRP A 164 -35.41 13.49 20.66
C TRP A 164 -36.64 14.40 20.61
N ASP A 165 -37.43 14.46 21.69
CA ASP A 165 -38.62 15.31 21.76
C ASP A 165 -38.25 16.81 21.83
N LEU A 166 -37.06 17.12 22.38
CA LEU A 166 -36.59 18.51 22.49
C LEU A 166 -35.52 18.90 21.46
N ILE A 167 -35.34 18.07 20.39
CA ILE A 167 -34.37 18.33 19.33
C ILE A 167 -34.76 19.53 18.45
N HIS A 168 -36.07 19.88 18.41
CA HIS A 168 -36.63 20.96 17.62
C HIS A 168 -37.01 22.20 18.42
N ARG A 169 -36.53 22.33 19.67
CA ARG A 169 -36.88 23.48 20.51
C ARG A 169 -36.46 24.83 19.91
N VAL A 170 -35.42 24.84 19.07
CA VAL A 170 -34.95 26.05 18.36
C VAL A 170 -35.15 25.84 16.86
N SER A 171 -34.49 24.82 16.31
CA SER A 171 -34.53 24.47 14.89
C SER A 171 -35.81 23.77 14.46
N LYS A 172 -36.49 24.35 13.48
CA LYS A 172 -37.71 23.77 12.94
C LYS A 172 -37.46 23.12 11.58
N ASP A 173 -36.18 22.84 11.27
CA ASP A 173 -35.72 22.15 10.06
C ASP A 173 -35.72 20.64 10.30
N ALA A 174 -36.12 19.85 9.29
CA ALA A 174 -36.14 18.40 9.42
C ALA A 174 -34.73 17.81 9.62
N LEU A 175 -34.68 16.66 10.30
CA LEU A 175 -33.46 15.92 10.58
C LEU A 175 -33.03 15.22 9.29
N LEU A 176 -32.54 15.99 8.28
CA LEU A 176 -32.12 15.45 6.97
C LEU A 176 -30.90 14.59 7.14
N ILE A 177 -29.91 15.10 7.87
CA ILE A 177 -28.66 14.42 8.19
C ILE A 177 -28.41 14.62 9.68
N THR A 178 -28.40 13.51 10.43
CA THR A 178 -28.09 13.49 11.87
C THR A 178 -26.76 12.75 12.01
N LEU A 179 -25.84 13.33 12.78
CA LEU A 179 -24.52 12.77 13.01
C LEU A 179 -24.42 12.34 14.44
N CYS A 180 -24.04 11.08 14.68
CA CYS A 180 -23.88 10.57 16.03
C CYS A 180 -22.49 10.02 16.21
N ASP A 181 -21.76 10.55 17.19
CA ASP A 181 -20.42 10.08 17.50
C ASP A 181 -20.33 9.63 18.96
N ALA A 182 -21.48 9.30 19.56
CA ALA A 182 -21.55 8.87 20.94
C ALA A 182 -20.84 7.56 21.17
N GLU A 183 -20.08 7.50 22.27
CA GLU A 183 -19.36 6.33 22.73
C GLU A 183 -20.24 5.73 23.80
N PHE A 184 -21.13 4.83 23.38
CA PHE A 184 -22.10 4.19 24.27
C PHE A 184 -21.46 3.11 25.14
N LYS A 185 -22.01 2.95 26.38
CA LYS A 185 -21.61 1.94 27.37
C LYS A 185 -21.72 0.53 26.74
N ASP A 186 -22.96 0.07 26.48
CA ASP A 186 -23.24 -1.23 25.87
C ASP A 186 -23.78 -1.10 24.44
N ARG A 187 -23.73 -2.19 23.67
CA ARG A 187 -24.22 -2.25 22.27
C ARG A 187 -25.74 -2.02 22.18
N ASP A 188 -26.47 -2.25 23.30
CA ASP A 188 -27.93 -2.07 23.39
C ASP A 188 -28.29 -0.60 23.29
N ASP A 189 -27.40 0.28 23.79
CA ASP A 189 -27.56 1.73 23.76
C ASP A 189 -27.60 2.27 22.33
N PHE A 190 -26.81 1.66 21.42
CA PHE A 190 -26.78 2.04 20.00
C PHE A 190 -28.16 1.82 19.39
N PHE A 191 -28.76 0.64 19.69
CA PHE A 191 -30.08 0.25 19.23
C PHE A 191 -31.17 1.15 19.78
N LYS A 192 -31.06 1.54 21.07
CA LYS A 192 -31.99 2.42 21.75
C LYS A 192 -32.06 3.75 21.02
N MET A 193 -30.88 4.29 20.62
CA MET A 193 -30.71 5.56 19.90
C MET A 193 -31.30 5.44 18.50
N VAL A 194 -30.95 4.38 17.75
CA VAL A 194 -31.41 4.13 16.39
C VAL A 194 -32.93 4.00 16.35
N ILE A 195 -33.52 3.26 17.32
CA ILE A 195 -34.97 3.07 17.44
C ILE A 195 -35.65 4.40 17.68
N LEU A 196 -35.07 5.23 18.58
CA LEU A 196 -35.59 6.56 18.91
C LEU A 196 -35.49 7.53 17.74
N TRP A 197 -34.39 7.48 16.99
CA TRP A 197 -34.22 8.30 15.79
C TRP A 197 -35.35 7.96 14.82
N ARG A 198 -35.58 6.65 14.57
CA ARG A 198 -36.62 6.11 13.69
C ARG A 198 -38.00 6.56 14.16
N LYS A 199 -38.29 6.38 15.46
CA LYS A 199 -39.54 6.79 16.09
C LYS A 199 -39.79 8.28 15.94
N HIS A 200 -38.71 9.12 16.01
CA HIS A 200 -38.83 10.56 15.83
C HIS A 200 -39.19 10.91 14.39
N VAL A 201 -38.30 10.58 13.43
CA VAL A 201 -38.44 10.88 12.00
C VAL A 201 -39.76 10.37 11.37
N LEU A 202 -40.43 9.39 12.02
CA LEU A 202 -41.70 8.83 11.54
C LEU A 202 -42.94 9.38 12.28
N SER A 203 -42.75 10.14 13.37
CA SER A 203 -43.84 10.73 14.17
C SER A 203 -43.84 12.25 14.03
N CYS A 204 -42.65 12.86 14.16
CA CYS A 204 -42.39 14.30 14.11
C CYS A 204 -43.00 14.99 12.90
N ARG A 205 -43.91 15.95 13.19
CA ARG A 205 -44.64 16.83 12.26
C ARG A 205 -43.70 17.48 11.24
N ILE A 206 -42.49 17.89 11.66
CA ILE A 206 -41.47 18.55 10.85
C ILE A 206 -40.78 17.57 9.91
N CYS A 207 -40.35 16.42 10.44
CA CYS A 207 -39.61 15.39 9.71
C CYS A 207 -40.48 14.58 8.76
N THR A 208 -41.72 14.23 9.17
CA THR A 208 -42.66 13.48 8.31
C THR A 208 -43.03 14.31 7.08
N THR A 209 -43.28 15.64 7.30
CA THR A 209 -43.63 16.65 6.29
C THR A 209 -42.57 16.63 5.18
N TYR A 210 -41.29 16.39 5.55
CA TYR A 210 -40.22 16.26 4.58
C TYR A 210 -40.37 14.94 3.79
N GLY A 211 -40.17 13.78 4.43
CA GLY A 211 -40.29 12.45 3.80
C GLY A 211 -39.50 11.35 4.48
N THR A 212 -39.22 10.24 3.74
CA THR A 212 -38.40 9.12 4.26
C THR A 212 -36.91 9.26 3.85
N ASP A 213 -36.56 10.34 3.13
CA ASP A 213 -35.18 10.60 2.69
C ASP A 213 -34.40 11.34 3.80
N LEU A 214 -34.34 10.71 4.98
CA LEU A 214 -33.68 11.22 6.19
C LEU A 214 -32.57 10.25 6.59
N TYR A 215 -31.41 10.78 7.02
CA TYR A 215 -30.22 9.98 7.27
C TYR A 215 -29.60 10.12 8.64
N LEU A 216 -29.02 9.00 9.12
CA LEU A 216 -28.29 8.91 10.39
C LEU A 216 -26.90 8.31 10.11
N PHE A 217 -25.87 9.12 10.31
CA PHE A 217 -24.49 8.72 10.13
C PHE A 217 -23.93 8.55 11.53
N ALA A 218 -23.92 7.30 12.00
CA ALA A 218 -23.56 6.96 13.37
C ALA A 218 -22.35 6.05 13.51
N LYS A 219 -21.59 6.24 14.61
CA LYS A 219 -20.44 5.44 14.99
C LYS A 219 -20.96 4.10 15.50
N TYR A 220 -20.35 3.00 15.04
CA TYR A 220 -20.74 1.64 15.44
C TYR A 220 -19.51 0.78 15.61
N HIS A 221 -19.52 -0.14 16.58
CA HIS A 221 -18.43 -1.09 16.83
C HIS A 221 -18.90 -2.44 16.36
N ALA A 222 -18.43 -2.85 15.16
CA ALA A 222 -18.80 -4.09 14.50
C ALA A 222 -18.28 -5.32 15.24
N LYS A 223 -19.16 -6.11 15.83
CA LYS A 223 -18.70 -7.30 16.53
C LYS A 223 -19.36 -8.55 15.93
N ASP A 224 -20.50 -9.00 16.44
CA ASP A 224 -21.16 -10.19 15.89
C ASP A 224 -21.74 -9.95 14.49
N CYS A 225 -21.92 -11.03 13.71
CA CYS A 225 -22.50 -10.98 12.36
C CYS A 225 -23.97 -11.36 12.36
N ASN A 226 -24.65 -11.10 11.22
CA ASN A 226 -26.08 -11.36 11.00
C ASN A 226 -26.96 -10.65 12.05
N VAL A 227 -26.49 -9.49 12.55
CA VAL A 227 -27.20 -8.66 13.53
C VAL A 227 -28.07 -7.70 12.72
N LYS A 228 -29.36 -7.97 12.70
CA LYS A 228 -30.33 -7.18 11.97
C LYS A 228 -30.56 -5.84 12.67
N LEU A 229 -30.56 -4.77 11.86
CA LEU A 229 -30.83 -3.40 12.30
C LEU A 229 -32.32 -3.35 12.71
N PRO A 230 -32.77 -2.36 13.51
CA PRO A 230 -34.19 -2.32 13.90
C PRO A 230 -35.14 -2.28 12.68
N PHE A 231 -36.43 -2.63 12.87
CA PHE A 231 -37.40 -2.58 11.80
C PHE A 231 -37.44 -1.19 11.13
N PHE A 232 -37.45 -1.20 9.80
CA PHE A 232 -37.50 -0.05 8.90
C PHE A 232 -36.25 0.84 8.97
N VAL A 233 -35.10 0.28 9.39
CA VAL A 233 -33.82 1.00 9.40
C VAL A 233 -32.88 0.22 8.48
N ARG A 234 -32.47 0.85 7.38
CA ARG A 234 -31.62 0.26 6.35
C ARG A 234 -30.26 0.94 6.30
N SER A 235 -29.19 0.15 6.22
CA SER A 235 -27.82 0.64 6.07
C SER A 235 -27.60 0.85 4.57
N VAL A 236 -27.13 2.06 4.19
CA VAL A 236 -26.86 2.47 2.81
C VAL A 236 -25.39 2.16 2.47
N ALA A 237 -24.48 2.46 3.41
CA ALA A 237 -23.04 2.25 3.28
C ALA A 237 -22.35 2.15 4.65
N THR A 238 -21.15 1.55 4.67
CA THR A 238 -20.28 1.41 5.84
C THR A 238 -18.94 2.07 5.50
N PHE A 239 -18.42 2.86 6.44
CA PHE A 239 -17.16 3.58 6.30
C PHE A 239 -16.14 3.10 7.32
N ILE A 240 -14.97 2.68 6.84
CA ILE A 240 -13.85 2.23 7.67
C ILE A 240 -12.80 3.33 7.52
N MET A 241 -12.51 4.01 8.64
CA MET A 241 -11.60 5.15 8.73
C MET A 241 -10.21 4.73 9.17
N GLN A 242 -9.18 5.33 8.55
CA GLN A 242 -7.76 5.14 8.85
C GLN A 242 -7.45 5.62 10.30
N GLY A 243 -8.12 6.69 10.72
CA GLY A 243 -7.93 7.30 12.04
C GLY A 243 -8.53 6.55 13.21
N SER A 244 -9.08 5.36 12.97
CA SER A 244 -9.67 4.53 14.03
C SER A 244 -8.57 3.66 14.64
N LYS A 245 -8.69 3.37 15.95
CA LYS A 245 -7.82 2.46 16.68
C LYS A 245 -7.75 1.15 15.87
N LEU A 246 -6.52 0.69 15.58
CA LEU A 246 -6.26 -0.50 14.78
C LEU A 246 -6.80 -1.78 15.40
N SER A 247 -6.64 -1.93 16.73
CA SER A 247 -7.13 -3.11 17.45
C SER A 247 -8.66 -3.17 17.52
N GLY A 248 -9.29 -2.00 17.45
CA GLY A 248 -10.73 -1.83 17.50
C GLY A 248 -11.54 -2.42 16.35
N SER A 249 -12.83 -2.14 16.37
CA SER A 249 -13.82 -2.63 15.39
C SER A 249 -14.78 -1.47 15.01
N GLU A 250 -14.32 -0.23 15.19
CA GLU A 250 -15.08 0.99 14.96
C GLU A 250 -15.24 1.30 13.49
N CYS A 251 -16.45 1.68 13.13
CA CYS A 251 -16.82 2.13 11.79
C CYS A 251 -17.98 3.15 11.87
N TYR A 252 -18.28 3.80 10.74
CA TYR A 252 -19.38 4.75 10.65
C TYR A 252 -20.37 4.22 9.63
N ILE A 253 -21.61 4.06 10.06
CA ILE A 253 -22.66 3.55 9.18
C ILE A 253 -23.64 4.65 8.78
N LEU A 254 -23.99 4.70 7.48
CA LEU A 254 -24.96 5.64 6.96
C LEU A 254 -26.27 4.90 6.88
N LEU A 255 -27.21 5.27 7.74
CA LEU A 255 -28.53 4.65 7.86
C LEU A 255 -29.64 5.55 7.32
N THR A 256 -30.69 4.92 6.78
CA THR A 256 -31.90 5.60 6.29
C THR A 256 -33.11 4.71 6.63
N LEU A 257 -34.30 5.15 6.22
CA LEU A 257 -35.52 4.41 6.42
C LEU A 257 -35.76 3.52 5.20
N GLY A 258 -36.11 2.26 5.47
CA GLY A 258 -36.39 1.26 4.45
C GLY A 258 -36.24 -0.14 5.01
N HIS A 259 -36.53 -1.14 4.18
CA HIS A 259 -36.45 -2.57 4.51
C HIS A 259 -35.09 -2.85 5.15
N HIS A 260 -35.09 -3.26 6.41
CA HIS A 260 -33.90 -3.45 7.23
C HIS A 260 -32.95 -4.51 6.72
N ASN A 261 -31.65 -4.27 6.93
CA ASN A 261 -30.60 -5.20 6.57
C ASN A 261 -29.71 -5.47 7.79
N ASN A 262 -28.60 -6.18 7.58
CA ASN A 262 -27.66 -6.52 8.64
C ASN A 262 -26.65 -5.43 8.86
N LEU A 263 -26.21 -5.29 10.12
CA LEU A 263 -25.16 -4.37 10.51
C LEU A 263 -23.81 -4.96 10.04
N PRO A 264 -22.72 -4.18 9.87
CA PRO A 264 -21.44 -4.78 9.47
C PRO A 264 -20.87 -5.70 10.55
N CYS A 265 -20.20 -6.77 10.15
CA CYS A 265 -19.60 -7.67 11.12
C CYS A 265 -18.12 -7.48 11.19
N HIS A 266 -17.55 -7.88 12.33
CA HIS A 266 -16.13 -7.74 12.66
C HIS A 266 -15.19 -8.17 11.54
N GLY A 267 -15.55 -9.24 10.81
CA GLY A 267 -14.78 -9.77 9.69
C GLY A 267 -14.55 -8.80 8.56
N GLU A 268 -15.65 -8.28 7.95
CA GLU A 268 -15.64 -7.32 6.83
C GLU A 268 -14.84 -6.05 7.15
N ILE A 269 -14.99 -5.56 8.39
CA ILE A 269 -14.34 -4.36 8.91
C ILE A 269 -12.83 -4.54 9.04
N GLN A 270 -12.36 -5.69 9.58
CA GLN A 270 -10.93 -5.97 9.78
C GLN A 270 -10.17 -5.99 8.48
N ASN A 271 -10.75 -6.59 7.43
CA ASN A 271 -10.13 -6.67 6.11
C ASN A 271 -9.88 -5.29 5.50
N SER A 272 -10.85 -4.36 5.66
CA SER A 272 -10.74 -2.98 5.20
C SER A 272 -9.76 -2.24 6.11
N LYS A 273 -9.81 -2.52 7.43
CA LYS A 273 -8.96 -1.92 8.46
C LYS A 273 -7.48 -2.29 8.17
N MET A 274 -7.24 -3.55 7.76
CA MET A 274 -5.92 -4.08 7.42
C MET A 274 -5.38 -3.55 6.11
N LYS A 275 -6.18 -3.53 5.02
CA LYS A 275 -5.73 -2.99 3.74
C LYS A 275 -5.26 -1.57 3.93
N ILE A 276 -6.05 -0.74 4.65
CA ILE A 276 -5.68 0.65 4.97
C ILE A 276 -4.35 0.70 5.76
N ALA A 277 -4.24 -0.04 6.87
CA ALA A 277 -3.04 -0.09 7.70
C ALA A 277 -1.78 -0.52 6.96
N VAL A 278 -1.90 -1.53 6.07
CA VAL A 278 -0.80 -2.09 5.29
C VAL A 278 -0.41 -1.20 4.09
N CYS A 279 -1.40 -0.64 3.39
CA CYS A 279 -1.20 0.10 2.14
C CYS A 279 -1.01 1.58 2.27
N ASN A 280 -1.74 2.22 3.16
CA ASN A 280 -1.78 3.68 3.25
C ASN A 280 -0.94 4.28 4.35
N ASP A 281 -0.56 5.55 4.11
CA ASP A 281 0.16 6.43 5.02
C ASP A 281 -0.85 7.47 5.50
N PHE A 282 -0.57 8.09 6.65
CA PHE A 282 -1.38 9.14 7.24
C PHE A 282 -0.97 10.45 6.58
N TYR A 283 -1.94 11.25 6.11
CA TYR A 283 -1.62 12.54 5.52
C TYR A 283 -1.42 13.54 6.64
N ALA A 284 -0.43 14.40 6.50
CA ALA A 284 -0.19 15.45 7.47
C ALA A 284 -1.03 16.66 7.03
N ALA A 285 -1.35 17.55 7.98
CA ALA A 285 -2.09 18.77 7.69
C ALA A 285 -1.15 19.70 6.91
N LYS A 286 -1.69 20.37 5.88
CA LYS A 286 -0.97 21.31 5.00
C LYS A 286 -0.33 22.43 5.81
N LYS A 287 -1.05 22.97 6.81
CA LYS A 287 -0.58 24.04 7.69
C LYS A 287 -0.45 23.54 9.12
N LEU A 288 0.49 24.15 9.88
CA LEU A 288 0.78 23.83 11.27
C LEU A 288 0.24 24.92 12.21
N ASP A 289 -0.71 24.55 13.10
CA ASP A 289 -1.30 25.45 14.11
C ASP A 289 -0.36 25.44 15.30
N ASN A 290 0.60 26.40 15.30
CA ASN A 290 1.65 26.55 16.30
C ASN A 290 1.14 26.73 17.73
N LYS A 291 0.04 27.51 17.90
CA LYS A 291 -0.56 27.74 19.22
C LYS A 291 -1.07 26.44 19.83
N SER A 292 -1.67 25.56 19.00
CA SER A 292 -2.19 24.25 19.37
C SER A 292 -1.08 23.27 19.71
N ILE A 293 0.01 23.22 18.87
CA ILE A 293 1.17 22.36 19.10
C ILE A 293 1.82 22.73 20.44
N GLU A 294 2.01 24.05 20.69
CA GLU A 294 2.57 24.59 21.94
C GLU A 294 1.70 24.20 23.14
N ALA A 295 0.36 24.14 22.94
CA ALA A 295 -0.62 23.74 23.96
C ALA A 295 -0.50 22.26 24.26
N ASN A 296 -0.39 21.41 23.21
CA ASN A 296 -0.26 19.96 23.38
C ASN A 296 1.08 19.58 24.00
N CYS A 297 2.14 20.37 23.74
CA CYS A 297 3.47 20.14 24.32
C CYS A 297 3.44 20.39 25.83
N LYS A 298 2.84 21.52 26.26
CA LYS A 298 2.70 21.89 27.67
C LYS A 298 1.74 20.97 28.42
N SER A 299 0.81 20.33 27.68
CA SER A 299 -0.14 19.37 28.22
C SER A 299 0.56 18.04 28.50
N LEU A 300 1.56 17.69 27.67
CA LEU A 300 2.37 16.47 27.79
C LEU A 300 3.39 16.62 28.92
N LEU A 301 4.22 17.65 28.82
CA LEU A 301 5.29 17.97 29.76
C LEU A 301 5.27 19.49 29.93
N SER A 302 4.79 19.96 31.09
CA SER A 302 4.70 21.40 31.37
C SER A 302 6.07 22.07 31.25
N GLY A 303 6.14 23.07 30.38
CA GLY A 303 7.38 23.80 30.12
C GLY A 303 8.04 23.46 28.79
N LEU A 304 7.60 22.36 28.13
CA LEU A 304 8.12 21.92 26.83
C LEU A 304 7.78 22.95 25.75
N ARG A 305 8.81 23.41 25.01
CA ARG A 305 8.70 24.43 23.98
C ARG A 305 9.05 23.88 22.60
N ILE A 306 8.60 24.59 21.55
CA ILE A 306 8.88 24.26 20.15
C ILE A 306 9.89 25.29 19.57
N PRO A 307 10.89 24.88 18.76
CA PRO A 307 11.13 23.52 18.23
C PRO A 307 11.71 22.53 19.24
N ILE A 308 11.24 21.27 19.18
CA ILE A 308 11.73 20.21 20.05
C ILE A 308 13.00 19.66 19.39
N ASN A 309 14.17 20.10 19.86
CA ASN A 309 15.48 19.71 19.34
C ASN A 309 16.38 19.20 20.46
N LYS A 310 17.64 18.84 20.12
CA LYS A 310 18.68 18.38 21.04
C LYS A 310 18.82 19.34 22.23
N LYS A 311 18.89 20.67 21.95
CA LYS A 311 18.98 21.75 22.93
C LYS A 311 17.77 21.75 23.90
N GLU A 312 16.53 21.71 23.35
CA GLU A 312 15.28 21.71 24.12
C GLU A 312 15.17 20.49 25.03
N LEU A 313 15.62 19.31 24.55
CA LEU A 313 15.56 18.08 25.35
C LEU A 313 16.59 18.06 26.48
N ASN A 314 17.75 18.72 26.28
CA ASN A 314 18.77 18.84 27.31
C ASN A 314 18.35 19.86 28.37
N ARG A 315 17.60 20.90 27.95
CA ARG A 315 17.04 21.94 28.82
C ARG A 315 16.04 21.31 29.81
N GLN A 316 15.15 20.44 29.31
CA GLN A 316 14.14 19.73 30.09
C GLN A 316 14.80 18.73 31.05
N ARG A 317 15.91 18.11 30.61
CA ARG A 317 16.70 17.16 31.38
C ARG A 317 17.46 17.90 32.51
N ARG A 318 17.81 19.19 32.28
CA ARG A 318 18.53 20.07 33.20
C ARG A 318 17.61 20.61 34.31
N LEU A 319 16.30 20.79 34.00
CA LEU A 319 15.29 21.29 34.93
C LEU A 319 15.02 20.27 36.04
N LEU A 320 15.09 18.97 35.70
CA LEU A 320 14.86 17.85 36.61
C LEU A 320 16.00 17.65 37.60
N THR A 321 17.27 17.80 37.16
CA THR A 321 18.44 17.64 38.02
C THR A 321 18.51 18.76 39.10
N LEU A 322 17.77 19.87 38.90
CA LEU A 322 17.69 20.98 39.86
C LEU A 322 16.73 20.69 41.03
N GLN A 323 16.09 19.49 41.03
CA GLN A 323 15.13 18.98 42.03
C GLN A 323 13.90 19.87 42.18
N ILE A 338 7.05 9.60 47.73
CA ILE A 338 6.73 11.00 47.46
C ILE A 338 6.39 11.22 45.97
N GLU A 339 5.39 12.10 45.69
CA GLU A 339 4.94 12.45 44.34
C GLU A 339 6.01 13.21 43.55
N SER A 340 6.99 13.81 44.27
CA SER A 340 8.13 14.56 43.71
C SER A 340 8.99 13.66 42.81
N LYS A 341 9.32 12.44 43.27
CA LYS A 341 10.10 11.48 42.47
C LYS A 341 9.26 10.81 41.36
N TRP A 342 7.93 10.69 41.56
CA TRP A 342 7.01 10.11 40.58
C TRP A 342 6.85 10.98 39.34
N LEU A 343 6.63 12.30 39.52
CA LEU A 343 6.45 13.24 38.42
C LEU A 343 7.73 13.44 37.60
N THR A 344 8.91 13.31 38.23
CA THR A 344 10.21 13.43 37.56
C THR A 344 10.49 12.16 36.76
N ASN A 345 10.02 10.99 37.25
CA ASN A 345 10.16 9.69 36.60
C ASN A 345 9.33 9.69 35.30
N LYS A 346 8.13 10.31 35.35
CA LYS A 346 7.19 10.51 34.24
C LYS A 346 7.83 11.39 33.17
N ALA A 347 8.52 12.47 33.61
CA ALA A 347 9.20 13.44 32.76
C ALA A 347 10.36 12.80 32.03
N ASN A 348 11.17 11.96 32.73
CA ASN A 348 12.31 11.24 32.15
C ASN A 348 11.85 10.29 31.05
N THR A 349 10.73 9.58 31.28
CA THR A 349 10.06 8.66 30.34
C THR A 349 9.74 9.39 29.02
N ILE A 350 9.10 10.58 29.12
CA ILE A 350 8.68 11.44 28.00
C ILE A 350 9.91 11.94 27.23
N ILE A 351 10.87 12.59 27.93
CA ILE A 351 12.10 13.13 27.31
C ILE A 351 12.82 12.00 26.57
N ASP A 352 13.00 10.83 27.24
CA ASP A 352 13.64 9.65 26.65
C ASP A 352 12.98 9.23 25.34
N TRP A 353 11.63 9.24 25.29
CA TRP A 353 10.88 8.89 24.07
C TRP A 353 11.10 9.93 22.98
N LEU A 354 11.00 11.23 23.32
CA LEU A 354 11.20 12.30 22.35
C LEU A 354 12.63 12.30 21.80
N GLU A 355 13.61 11.97 22.67
CA GLU A 355 15.03 11.82 22.31
C GLU A 355 15.19 10.69 21.29
N HIS A 356 14.45 9.57 21.48
CA HIS A 356 14.45 8.44 20.55
C HIS A 356 13.86 8.86 19.20
N ILE A 357 12.77 9.66 19.21
CA ILE A 357 12.12 10.18 18.00
C ILE A 357 13.06 11.12 17.27
N LEU A 358 13.79 11.96 18.03
CA LEU A 358 14.77 12.92 17.51
C LEU A 358 15.93 12.18 16.83
N ASN A 359 16.47 11.13 17.49
CA ASN A 359 17.56 10.31 16.99
C ASN A 359 17.08 9.16 16.08
N SER A 360 15.87 9.31 15.50
CA SER A 360 15.27 8.32 14.60
C SER A 360 15.23 8.83 13.16
N PRO A 361 15.34 7.93 12.14
CA PRO A 361 15.32 8.41 10.76
C PRO A 361 13.94 8.91 10.33
N LYS A 362 13.89 9.86 9.37
CA LYS A 362 12.62 10.35 8.87
C LYS A 362 12.03 9.25 7.99
N GLY A 363 10.81 8.85 8.32
CA GLY A 363 10.09 7.84 7.58
C GLY A 363 8.72 8.33 7.21
N GLU A 364 7.96 7.48 6.53
CA GLU A 364 6.59 7.79 6.15
C GLU A 364 5.67 7.50 7.34
N LEU A 365 4.55 8.22 7.44
CA LEU A 365 3.60 8.02 8.53
C LEU A 365 2.74 6.79 8.29
N ASN A 366 3.28 5.59 8.59
CA ASN A 366 2.56 4.33 8.44
C ASN A 366 2.86 3.35 9.56
N TYR A 367 1.99 2.33 9.75
CA TYR A 367 2.15 1.34 10.81
C TYR A 367 3.42 0.50 10.70
N ASP A 368 4.01 0.38 9.50
CA ASP A 368 5.28 -0.34 9.32
C ASP A 368 6.42 0.44 10.00
N PHE A 369 6.37 1.79 9.91
CA PHE A 369 7.35 2.69 10.51
C PHE A 369 7.11 2.88 12.01
N PHE A 370 5.83 2.92 12.44
CA PHE A 370 5.46 3.05 13.85
C PHE A 370 5.91 1.83 14.66
N GLU A 371 5.81 0.63 14.05
CA GLU A 371 6.25 -0.63 14.61
C GLU A 371 7.78 -0.62 14.76
N ALA A 372 8.49 -0.01 13.78
CA ALA A 372 9.94 0.12 13.82
C ALA A 372 10.35 1.04 14.96
N LEU A 373 9.65 2.20 15.11
CA LEU A 373 9.89 3.17 16.17
C LEU A 373 9.77 2.53 17.55
N GLU A 374 8.67 1.80 17.80
CA GLU A 374 8.43 1.14 19.09
C GLU A 374 9.45 0.04 19.37
N ASN A 375 9.64 -0.88 18.41
CA ASN A 375 10.51 -2.04 18.58
C ASN A 375 12.03 -1.73 18.55
N THR A 376 12.40 -0.44 18.40
CA THR A 376 13.79 0.01 18.49
C THR A 376 14.00 0.79 19.81
N TYR A 377 12.91 1.02 20.56
CA TYR A 377 12.95 1.68 21.86
C TYR A 377 12.98 0.59 22.95
N PRO A 378 14.04 0.55 23.79
CA PRO A 378 14.15 -0.54 24.78
C PRO A 378 13.17 -0.50 25.96
N ASN A 379 12.78 0.71 26.40
CA ASN A 379 11.89 0.93 27.55
C ASN A 379 10.40 1.10 27.18
N MET A 380 9.90 0.35 26.18
CA MET A 380 8.50 0.42 25.74
C MET A 380 7.50 0.05 26.82
N ILE A 381 7.79 -1.02 27.58
CA ILE A 381 6.89 -1.50 28.61
C ILE A 381 6.88 -0.56 29.83
N LYS A 382 8.01 0.12 30.10
CA LYS A 382 8.12 1.11 31.18
C LYS A 382 7.26 2.33 30.81
N LEU A 383 7.27 2.72 29.52
CA LEU A 383 6.52 3.84 28.97
C LEU A 383 4.99 3.67 29.12
N ILE A 384 4.45 2.49 28.76
CA ILE A 384 3.02 2.24 28.83
C ILE A 384 2.56 2.11 30.29
N ASP A 385 3.45 1.63 31.16
CA ASP A 385 3.18 1.46 32.59
C ASP A 385 3.17 2.80 33.32
N ASN A 386 4.13 3.68 33.01
CA ASN A 386 4.29 4.98 33.66
C ASN A 386 3.27 6.04 33.22
N LEU A 387 2.96 6.11 31.92
CA LEU A 387 2.05 7.12 31.39
C LEU A 387 0.59 6.67 31.28
N GLY A 388 -0.32 7.59 31.60
CA GLY A 388 -1.76 7.39 31.51
C GLY A 388 -2.24 7.49 30.07
N ASN A 389 -3.50 7.08 29.83
CA ASN A 389 -4.08 7.08 28.48
C ASN A 389 -4.06 8.44 27.80
N ALA A 390 -4.49 9.50 28.51
CA ALA A 390 -4.51 10.88 28.03
C ALA A 390 -3.12 11.42 27.69
N GLU A 391 -2.10 11.07 28.52
CA GLU A 391 -0.69 11.45 28.35
C GLU A 391 -0.10 10.78 27.11
N ILE A 392 -0.40 9.47 26.92
CA ILE A 392 0.08 8.68 25.78
C ILE A 392 -0.51 9.21 24.45
N LYS A 393 -1.80 9.64 24.44
CA LYS A 393 -2.46 10.22 23.27
C LYS A 393 -1.76 11.51 22.88
N LYS A 394 -1.36 12.32 23.88
CA LYS A 394 -0.63 13.58 23.73
C LYS A 394 0.79 13.35 23.27
N LEU A 395 1.42 12.28 23.79
CA LEU A 395 2.79 11.87 23.43
C LEU A 395 2.87 11.52 21.95
N ILE A 396 1.81 10.87 21.40
CA ILE A 396 1.74 10.48 20.00
C ILE A 396 1.50 11.70 19.08
N GLU A 397 0.68 12.67 19.54
CA GLU A 397 0.42 13.91 18.80
C GLU A 397 1.74 14.70 18.64
N VAL A 398 2.53 14.82 19.74
CA VAL A 398 3.82 15.51 19.77
C VAL A 398 4.84 14.77 18.88
N THR A 399 4.87 13.42 18.94
CA THR A 399 5.70 12.54 18.12
C THR A 399 5.40 12.81 16.64
N GLY A 400 4.12 12.90 16.30
CA GLY A 400 3.66 13.19 14.96
C GLY A 400 4.13 14.54 14.45
N TYR A 401 4.10 15.56 15.33
CA TYR A 401 4.57 16.90 15.02
C TYR A 401 6.06 16.84 14.70
N MET A 402 6.83 16.10 15.51
CA MET A 402 8.26 15.88 15.36
C MET A 402 8.62 15.15 14.07
N LEU A 403 7.87 14.10 13.71
CA LEU A 403 8.08 13.29 12.50
C LEU A 403 7.82 14.09 11.22
N VAL A 404 6.81 14.96 11.25
CA VAL A 404 6.40 15.83 10.14
C VAL A 404 7.45 16.96 9.98
N SER A 405 7.99 17.46 11.12
CA SER A 405 9.01 18.51 11.20
C SER A 405 10.37 18.11 10.61
N LYS A 406 10.70 16.80 10.58
CA LYS A 406 11.97 16.27 10.06
C LYS A 406 12.28 16.66 8.60
N LYS A 407 13.60 16.80 8.28
CA LYS A 407 14.17 17.18 6.98
C LYS A 407 13.69 18.54 6.49
N VAL B 17 14.19 2.92 -39.77
CA VAL B 17 14.87 3.51 -38.62
C VAL B 17 14.11 3.18 -37.32
N ILE B 18 14.84 2.73 -36.26
CA ILE B 18 14.27 2.41 -34.94
C ILE B 18 14.89 3.29 -33.85
N ASP B 19 14.06 4.14 -33.20
CA ASP B 19 14.48 4.99 -32.08
C ASP B 19 14.30 4.21 -30.77
N PRO B 20 15.39 3.98 -29.99
CA PRO B 20 15.26 3.19 -28.76
C PRO B 20 14.32 3.78 -27.71
N THR B 21 14.36 5.10 -27.48
CA THR B 21 13.47 5.78 -26.50
C THR B 21 11.98 5.66 -26.88
N GLU B 22 11.71 5.56 -28.19
CA GLU B 22 10.36 5.39 -28.75
C GLU B 22 9.81 3.99 -28.41
N GLN B 23 10.69 2.96 -28.45
CA GLN B 23 10.37 1.56 -28.14
C GLN B 23 10.07 1.31 -26.67
N LEU B 24 10.56 2.20 -25.79
CA LEU B 24 10.39 2.14 -24.33
C LEU B 24 8.92 2.11 -23.88
N ALA B 25 8.02 2.70 -24.68
CA ALA B 25 6.56 2.76 -24.45
C ALA B 25 5.88 1.39 -24.49
N TYR B 26 6.55 0.37 -25.05
CA TYR B 26 6.01 -0.99 -25.12
C TYR B 26 6.28 -1.77 -23.85
N PHE B 27 7.17 -1.25 -23.00
CA PHE B 27 7.53 -1.85 -21.70
C PHE B 27 6.63 -1.27 -20.59
N PRO B 28 6.09 -2.14 -19.68
CA PRO B 28 5.25 -1.61 -18.61
C PRO B 28 6.06 -0.99 -17.48
N LYS B 29 5.43 -0.09 -16.69
CA LYS B 29 6.05 0.53 -15.53
C LYS B 29 6.25 -0.57 -14.48
N ILE B 30 7.42 -0.55 -13.82
CA ILE B 30 7.85 -1.51 -12.81
C ILE B 30 7.57 -1.04 -11.39
N THR B 31 6.95 -1.92 -10.59
CA THR B 31 6.65 -1.72 -9.17
C THR B 31 7.62 -2.65 -8.42
N PHE B 32 8.27 -2.13 -7.37
CA PHE B 32 9.24 -2.90 -6.61
C PHE B 32 9.45 -2.33 -5.20
N GLU B 33 10.18 -3.08 -4.35
CA GLU B 33 10.57 -2.67 -2.99
C GLU B 33 12.07 -2.88 -2.80
N ARG B 34 12.77 -1.85 -2.31
CA ARG B 34 14.20 -1.88 -2.06
C ARG B 34 14.42 -2.02 -0.55
N LEU B 35 15.20 -3.03 -0.15
CA LEU B 35 15.56 -3.25 1.24
C LEU B 35 17.06 -2.96 1.37
N LYS B 36 17.40 -1.86 2.04
CA LYS B 36 18.80 -1.47 2.21
C LYS B 36 19.44 -2.25 3.37
N ASN B 37 20.73 -2.63 3.20
CA ASN B 37 21.50 -3.40 4.17
C ASN B 37 22.12 -2.50 5.26
N TYR B 38 21.56 -2.58 6.47
CA TYR B 38 21.97 -1.77 7.63
C TYR B 38 22.98 -2.52 8.52
N ASP B 39 24.22 -1.99 8.56
CA ASP B 39 25.33 -2.53 9.36
C ASP B 39 25.17 -2.24 10.85
N THR B 40 24.34 -1.22 11.19
CA THR B 40 24.03 -0.75 12.55
C THR B 40 23.38 -1.82 13.47
N SER B 41 22.98 -2.99 12.89
CA SER B 41 22.28 -4.10 13.56
C SER B 41 20.96 -3.58 14.16
N SER B 42 20.23 -2.78 13.32
CA SER B 42 18.97 -2.11 13.60
C SER B 42 17.75 -3.04 13.50
N ASN B 43 17.95 -4.34 13.75
CA ASN B 43 16.90 -5.36 13.73
C ASN B 43 16.00 -5.26 14.96
N TYR B 44 14.69 -5.36 14.74
CA TYR B 44 13.62 -5.26 15.73
C TYR B 44 12.59 -6.39 15.55
N ALA B 45 11.75 -6.63 16.57
CA ALA B 45 10.71 -7.66 16.53
C ALA B 45 9.49 -7.15 15.73
N LYS B 46 9.29 -7.69 14.51
CA LYS B 46 8.19 -7.27 13.66
C LYS B 46 7.19 -8.39 13.38
N GLY B 47 5.95 -8.00 13.08
CA GLY B 47 4.87 -8.92 12.75
C GLY B 47 4.96 -9.44 11.32
N LYS B 48 3.95 -10.20 10.91
CA LYS B 48 3.90 -10.85 9.60
C LYS B 48 2.63 -10.49 8.82
N LEU B 49 2.79 -10.19 7.52
CA LEU B 49 1.70 -9.89 6.60
C LEU B 49 1.35 -11.16 5.84
N THR B 50 0.10 -11.60 5.99
CA THR B 50 -0.43 -12.78 5.32
C THR B 50 -1.79 -12.52 4.72
N ARG B 51 -1.90 -12.90 3.46
CA ARG B 51 -3.08 -12.91 2.61
C ARG B 51 -2.81 -14.09 1.69
N ASN B 52 -3.75 -15.02 1.62
CA ASN B 52 -3.55 -16.23 0.84
C ASN B 52 -4.40 -16.23 -0.41
N TYR B 53 -3.79 -15.78 -1.51
CA TYR B 53 -4.44 -15.71 -2.82
C TYR B 53 -4.60 -17.09 -3.41
N MET B 54 -5.84 -17.46 -3.65
CA MET B 54 -6.12 -18.77 -4.22
C MET B 54 -5.98 -18.72 -5.73
N ILE B 55 -4.72 -18.73 -6.18
CA ILE B 55 -4.34 -18.67 -7.59
C ILE B 55 -3.41 -19.82 -7.99
N LEU B 56 -3.58 -20.34 -9.20
CA LEU B 56 -2.77 -21.43 -9.76
C LEU B 56 -1.97 -21.01 -10.99
N LEU B 57 -2.35 -19.89 -11.63
CA LEU B 57 -1.74 -19.37 -12.85
C LEU B 57 -0.58 -18.36 -12.64
N PRO B 58 0.42 -18.29 -13.58
CA PRO B 58 1.51 -17.31 -13.42
C PRO B 58 1.08 -15.92 -13.88
N TRP B 59 0.29 -15.25 -13.03
CA TRP B 59 -0.28 -13.93 -13.29
C TRP B 59 0.72 -12.81 -13.46
N GLN B 60 2.00 -13.00 -13.10
CA GLN B 60 3.06 -11.99 -13.28
C GLN B 60 3.34 -11.66 -14.77
N HIS B 61 2.88 -12.54 -15.69
CA HIS B 61 3.02 -12.39 -17.14
C HIS B 61 1.86 -11.58 -17.76
N VAL B 62 0.90 -11.14 -16.93
CA VAL B 62 -0.30 -10.41 -17.35
C VAL B 62 0.02 -9.18 -18.22
N ASN B 63 1.06 -8.41 -17.88
CA ASN B 63 1.40 -7.19 -18.62
C ASN B 63 2.60 -7.36 -19.57
N ARG B 64 2.88 -8.61 -20.02
CA ARG B 64 4.03 -8.93 -20.86
C ARG B 64 3.70 -9.33 -22.32
N TYR B 65 2.46 -9.06 -22.78
CA TYR B 65 1.93 -9.38 -24.12
C TYR B 65 2.68 -8.74 -25.30
N ASN B 66 3.45 -7.67 -25.08
CA ASN B 66 4.20 -6.98 -26.15
C ASN B 66 5.55 -7.61 -26.46
N PHE B 67 5.90 -8.70 -25.74
CA PHE B 67 7.20 -9.39 -25.88
C PHE B 67 7.02 -10.85 -26.19
N VAL B 68 7.83 -11.35 -27.14
CA VAL B 68 7.75 -12.71 -27.72
C VAL B 68 8.68 -13.76 -27.08
N PHE B 69 10.00 -13.66 -27.26
CA PHE B 69 11.00 -14.66 -26.83
C PHE B 69 11.36 -14.65 -25.35
N SER B 70 11.27 -13.49 -24.70
CA SER B 70 11.54 -13.28 -23.27
C SER B 70 10.93 -11.94 -22.86
N SER B 71 10.71 -11.75 -21.56
CA SER B 71 10.02 -10.56 -21.10
C SER B 71 10.51 -10.01 -19.76
N THR B 72 11.76 -10.32 -19.37
CA THR B 72 12.40 -9.93 -18.10
C THR B 72 12.37 -8.41 -17.85
N GLY B 73 12.43 -7.63 -18.93
CA GLY B 73 12.37 -6.16 -18.90
C GLY B 73 11.05 -5.63 -18.37
N CYS B 74 10.00 -6.48 -18.34
CA CYS B 74 8.69 -6.11 -17.78
C CYS B 74 8.71 -6.20 -16.26
N LYS B 75 9.67 -6.98 -15.71
CA LYS B 75 9.88 -7.24 -14.29
C LYS B 75 10.98 -6.36 -13.68
N VAL B 76 12.18 -6.32 -14.29
CA VAL B 76 13.35 -5.57 -13.81
C VAL B 76 13.81 -4.52 -14.83
N SER B 77 14.27 -3.39 -14.31
CA SER B 77 14.77 -2.23 -15.05
C SER B 77 15.94 -1.61 -14.29
N LEU B 78 16.99 -1.20 -15.02
CA LEU B 78 18.14 -0.55 -14.40
C LEU B 78 17.83 0.89 -14.04
N LYS B 79 17.08 1.61 -14.90
CA LYS B 79 16.69 3.01 -14.66
C LYS B 79 15.76 3.13 -13.44
N THR B 80 14.84 2.16 -13.28
CA THR B 80 13.89 2.15 -12.17
C THR B 80 14.54 1.77 -10.84
N CYS B 81 15.33 0.67 -10.83
CA CYS B 81 15.92 0.14 -9.60
C CYS B 81 17.27 0.75 -9.19
N ILE B 82 18.21 0.91 -10.13
CA ILE B 82 19.55 1.43 -9.82
C ILE B 82 19.92 2.69 -10.65
N GLY B 83 18.91 3.52 -10.95
CA GLY B 83 19.03 4.75 -11.73
C GLY B 83 20.10 5.73 -11.26
N LYS B 84 20.24 5.89 -9.93
CA LYS B 84 21.23 6.78 -9.32
C LYS B 84 22.65 6.26 -9.57
N LEU B 85 22.88 4.93 -9.36
CA LEU B 85 24.17 4.28 -9.58
C LEU B 85 24.56 4.37 -11.05
N MET B 86 23.57 4.25 -11.96
CA MET B 86 23.74 4.36 -13.41
C MET B 86 24.23 5.77 -13.76
N LYS B 87 23.63 6.78 -13.12
CA LYS B 87 23.96 8.20 -13.28
C LYS B 87 25.37 8.48 -12.74
N ASP B 88 25.65 8.00 -11.51
CA ASP B 88 26.91 8.19 -10.80
C ASP B 88 28.10 7.50 -11.45
N LEU B 89 27.98 6.20 -11.76
CA LEU B 89 29.08 5.46 -12.39
C LEU B 89 29.27 5.81 -13.87
N ASN B 90 28.16 6.16 -14.56
CA ASN B 90 28.10 6.55 -15.98
C ASN B 90 28.92 5.56 -16.82
N PRO B 91 28.50 4.27 -16.88
CA PRO B 91 29.26 3.30 -17.66
C PRO B 91 29.00 3.49 -19.15
N LYS B 92 30.02 3.23 -19.96
CA LYS B 92 29.88 3.35 -21.41
C LYS B 92 29.53 1.97 -21.97
N VAL B 93 29.81 0.90 -21.19
CA VAL B 93 29.58 -0.51 -21.53
C VAL B 93 28.96 -1.18 -20.31
N LEU B 94 27.92 -2.01 -20.54
CA LEU B 94 27.28 -2.84 -19.51
C LEU B 94 27.53 -4.31 -19.83
N TYR B 95 27.71 -5.13 -18.80
CA TYR B 95 28.02 -6.56 -18.95
C TYR B 95 26.84 -7.42 -18.53
N PHE B 96 26.16 -8.02 -19.51
CA PHE B 96 24.99 -8.86 -19.25
C PHE B 96 25.34 -10.33 -19.37
N ILE B 97 25.31 -11.04 -18.24
CA ILE B 97 25.59 -12.48 -18.18
C ILE B 97 24.30 -13.25 -17.83
N GLY B 98 24.19 -14.49 -18.32
CA GLY B 98 23.00 -15.34 -18.17
C GLY B 98 21.76 -14.64 -18.70
N GLU B 99 21.89 -14.00 -19.87
CA GLU B 99 20.92 -13.09 -20.46
C GLU B 99 19.95 -13.66 -21.54
N GLY B 100 20.01 -14.94 -21.88
CA GLY B 100 19.10 -15.56 -22.84
C GLY B 100 18.75 -14.72 -24.05
N ALA B 101 17.44 -14.44 -24.28
CA ALA B 101 16.99 -13.67 -25.43
C ALA B 101 17.25 -12.16 -25.32
N GLY B 102 17.65 -11.71 -24.14
CA GLY B 102 18.04 -10.33 -23.88
C GLY B 102 16.96 -9.27 -23.88
N ASN B 103 15.81 -9.53 -23.22
CA ASN B 103 14.74 -8.54 -23.10
C ASN B 103 15.15 -7.46 -22.07
N TRP B 104 15.89 -7.87 -21.01
CA TRP B 104 16.37 -6.97 -19.98
C TRP B 104 17.37 -5.99 -20.59
N MET B 105 18.30 -6.52 -21.37
CA MET B 105 19.32 -5.76 -22.10
C MET B 105 18.64 -4.81 -23.09
N ALA B 106 17.57 -5.28 -23.78
CA ALA B 106 16.79 -4.51 -24.75
C ALA B 106 16.13 -3.30 -24.07
N ARG B 107 15.55 -3.47 -22.87
CA ARG B 107 14.97 -2.35 -22.12
C ARG B 107 16.05 -1.33 -21.75
N THR B 108 17.22 -1.82 -21.31
CA THR B 108 18.39 -1.02 -20.94
C THR B 108 18.87 -0.19 -22.14
N ALA B 109 18.82 -0.76 -23.36
CA ALA B 109 19.19 -0.11 -24.61
C ALA B 109 18.22 1.00 -24.98
N CYS B 110 16.97 0.92 -24.48
CA CYS B 110 15.91 1.92 -24.68
C CYS B 110 16.02 3.05 -23.66
N GLU B 111 16.41 2.71 -22.42
CA GLU B 111 16.56 3.67 -21.30
C GLU B 111 17.86 4.48 -21.44
N TYR B 112 18.97 3.81 -21.83
CA TYR B 112 20.29 4.39 -21.98
C TYR B 112 20.72 4.19 -23.44
N PRO B 113 20.32 5.12 -24.36
CA PRO B 113 20.58 4.90 -25.80
C PRO B 113 22.01 4.98 -26.29
N ASP B 114 22.94 5.47 -25.47
CA ASP B 114 24.34 5.59 -25.90
C ASP B 114 25.23 4.48 -25.33
N ILE B 115 24.64 3.62 -24.50
CA ILE B 115 25.32 2.50 -23.86
C ILE B 115 25.46 1.33 -24.83
N LYS B 116 26.68 0.79 -24.85
CA LYS B 116 27.11 -0.37 -25.62
C LYS B 116 27.08 -1.58 -24.64
N PHE B 117 27.02 -2.82 -25.16
CA PHE B 117 26.92 -4.01 -24.32
C PHE B 117 27.87 -5.13 -24.68
N VAL B 118 28.18 -5.98 -23.67
CA VAL B 118 28.91 -7.23 -23.74
C VAL B 118 27.90 -8.25 -23.24
N TYR B 119 27.51 -9.15 -24.13
CA TYR B 119 26.49 -10.16 -23.84
C TYR B 119 27.09 -11.54 -23.69
N ARG B 120 26.58 -12.30 -22.71
CA ARG B 120 26.95 -13.68 -22.43
C ARG B 120 25.72 -14.42 -21.90
N SER B 121 25.54 -15.66 -22.34
CA SER B 121 24.49 -16.58 -21.87
C SER B 121 24.93 -17.99 -22.22
N LEU B 122 24.62 -18.96 -21.34
CA LEU B 122 25.01 -20.36 -21.52
C LEU B 122 24.56 -20.93 -22.86
N LYS B 123 25.55 -21.42 -23.62
CA LYS B 123 25.36 -22.05 -24.93
C LYS B 123 25.09 -23.53 -24.68
N ASP B 124 23.81 -23.92 -24.76
CA ASP B 124 23.37 -25.30 -24.49
C ASP B 124 22.52 -25.90 -25.61
N ASP B 125 21.92 -25.04 -26.47
CA ASP B 125 21.05 -25.41 -27.60
C ASP B 125 19.78 -26.14 -27.06
N LEU B 126 19.18 -25.55 -26.02
CA LEU B 126 17.96 -25.93 -25.30
C LEU B 126 17.27 -24.64 -24.77
N ASP B 127 18.07 -23.56 -24.65
CA ASP B 127 17.70 -22.19 -24.28
C ASP B 127 18.49 -21.21 -25.18
N HIS B 128 18.16 -19.91 -25.13
CA HIS B 128 18.80 -18.87 -25.95
C HIS B 128 20.21 -18.52 -25.50
N HIS B 129 21.13 -18.44 -26.48
CA HIS B 129 22.53 -18.06 -26.34
C HIS B 129 22.84 -16.92 -27.34
N TYR B 130 21.77 -16.43 -27.98
CA TYR B 130 21.73 -15.32 -28.94
C TYR B 130 20.58 -14.38 -28.51
N PRO B 131 20.77 -13.03 -28.57
CA PRO B 131 19.72 -12.12 -28.08
C PRO B 131 18.58 -11.86 -29.07
N LEU B 132 17.73 -12.89 -29.28
CA LEU B 132 16.55 -12.86 -30.14
C LEU B 132 15.60 -11.69 -29.82
N GLU B 133 15.35 -11.42 -28.52
CA GLU B 133 14.48 -10.31 -28.10
C GLU B 133 15.12 -8.94 -28.35
N TYR B 134 16.43 -8.80 -28.06
CA TYR B 134 17.16 -7.56 -28.28
C TYR B 134 17.08 -7.17 -29.76
N GLN B 135 17.34 -8.14 -30.66
CA GLN B 135 17.28 -7.97 -32.11
C GLN B 135 15.90 -7.49 -32.55
N ARG B 136 14.83 -8.11 -32.01
CA ARG B 136 13.43 -7.78 -32.31
C ARG B 136 13.07 -6.36 -31.83
N VAL B 137 13.45 -6.00 -30.59
CA VAL B 137 13.15 -4.70 -29.98
C VAL B 137 14.00 -3.55 -30.58
N ILE B 138 15.35 -3.69 -30.56
CA ILE B 138 16.30 -2.67 -31.01
C ILE B 138 16.49 -2.63 -32.54
N GLY B 139 16.32 -3.77 -33.21
CA GLY B 139 16.43 -3.85 -34.66
C GLY B 139 17.71 -4.46 -35.16
N GLU B 140 18.84 -3.91 -34.69
CA GLU B 140 20.18 -4.36 -35.07
C GLU B 140 21.02 -4.69 -33.82
N LEU B 141 22.22 -5.28 -34.01
CA LEU B 141 23.10 -5.66 -32.92
C LEU B 141 24.37 -4.80 -32.84
N SER B 142 24.40 -3.64 -33.55
CA SER B 142 25.55 -2.73 -33.59
C SER B 142 26.04 -2.24 -32.20
N ARG B 143 25.15 -2.15 -31.22
CA ARG B 143 25.51 -1.72 -29.86
C ARG B 143 26.04 -2.87 -28.99
N ILE B 144 25.83 -4.14 -29.43
CA ILE B 144 26.38 -5.31 -28.73
C ILE B 144 27.74 -5.53 -29.35
N ILE B 145 28.77 -4.95 -28.73
CA ILE B 145 30.15 -4.99 -29.22
C ILE B 145 30.79 -6.38 -29.06
N ASP B 146 30.24 -7.21 -28.15
CA ASP B 146 30.69 -8.59 -27.94
C ASP B 146 29.44 -9.40 -27.63
N SER B 147 29.00 -10.24 -28.58
CA SER B 147 27.81 -11.07 -28.44
C SER B 147 28.14 -12.52 -28.10
N GLY B 148 29.40 -12.78 -27.74
CA GLY B 148 29.88 -14.12 -27.39
C GLY B 148 29.99 -15.06 -28.58
N GLU B 149 30.18 -14.50 -29.79
CA GLU B 149 30.31 -15.24 -31.04
C GLU B 149 31.61 -16.06 -31.04
N GLY B 150 31.52 -17.32 -31.46
CA GLY B 150 32.68 -18.20 -31.51
C GLY B 150 33.09 -18.78 -30.16
N LEU B 151 32.28 -18.57 -29.12
CA LEU B 151 32.57 -19.11 -27.79
C LEU B 151 32.02 -20.52 -27.64
N SER B 152 32.69 -21.33 -26.80
CA SER B 152 32.32 -22.70 -26.46
C SER B 152 31.30 -22.70 -25.33
N MET B 153 30.89 -23.90 -24.86
CA MET B 153 29.95 -24.00 -23.74
C MET B 153 30.61 -23.50 -22.44
N GLU B 154 31.90 -23.82 -22.28
CA GLU B 154 32.70 -23.45 -21.11
C GLU B 154 32.82 -21.93 -20.95
N THR B 155 33.11 -21.23 -22.06
CA THR B 155 33.34 -19.79 -22.07
C THR B 155 32.05 -18.94 -22.02
N THR B 156 30.87 -19.59 -21.98
CA THR B 156 29.56 -18.92 -21.89
C THR B 156 28.90 -19.18 -20.53
N ASP B 157 29.48 -20.12 -19.76
CA ASP B 157 29.07 -20.55 -18.43
C ASP B 157 29.64 -19.59 -17.39
N ALA B 158 28.76 -18.83 -16.72
CA ALA B 158 29.15 -17.86 -15.70
C ALA B 158 29.79 -18.53 -14.45
N THR B 159 29.73 -19.88 -14.35
CA THR B 159 30.32 -20.64 -13.23
C THR B 159 31.72 -21.15 -13.59
N GLN B 160 32.23 -20.74 -14.77
CA GLN B 160 33.55 -21.13 -15.29
C GLN B 160 34.50 -19.94 -15.35
N LYS B 161 35.77 -20.15 -14.95
CA LYS B 161 36.82 -19.13 -14.94
C LYS B 161 37.08 -18.53 -16.31
N THR B 162 37.13 -19.40 -17.36
CA THR B 162 37.40 -19.04 -18.76
C THR B 162 36.37 -18.06 -19.32
N HIS B 163 35.12 -18.11 -18.82
CA HIS B 163 34.06 -17.19 -19.19
C HIS B 163 34.51 -15.77 -18.83
N TRP B 164 34.99 -15.60 -17.58
CA TRP B 164 35.45 -14.36 -16.98
C TRP B 164 36.80 -13.88 -17.50
N ASP B 165 37.65 -14.80 -17.95
CA ASP B 165 38.96 -14.45 -18.51
C ASP B 165 38.78 -13.81 -19.88
N LEU B 166 37.81 -14.30 -20.66
CA LEU B 166 37.52 -13.82 -22.01
C LEU B 166 36.44 -12.73 -22.07
N ILE B 167 36.08 -12.13 -20.92
CA ILE B 167 35.04 -11.09 -20.89
C ILE B 167 35.53 -9.78 -21.55
N HIS B 168 36.85 -9.56 -21.56
CA HIS B 168 37.46 -8.36 -22.11
C HIS B 168 38.08 -8.54 -23.48
N ARG B 169 37.74 -9.62 -24.21
CA ARG B 169 38.30 -9.90 -25.54
C ARG B 169 38.03 -8.77 -26.55
N VAL B 170 36.92 -8.02 -26.38
CA VAL B 170 36.57 -6.89 -27.23
C VAL B 170 36.60 -5.63 -26.37
N SER B 171 35.74 -5.58 -25.32
CA SER B 171 35.61 -4.43 -24.42
C SER B 171 36.75 -4.32 -23.41
N LYS B 172 37.41 -3.15 -23.41
CA LYS B 172 38.49 -2.89 -22.47
C LYS B 172 38.04 -1.95 -21.35
N ASP B 173 36.71 -1.81 -21.18
CA ASP B 173 36.07 -1.02 -20.12
C ASP B 173 35.88 -1.90 -18.87
N ALA B 174 36.07 -1.32 -17.68
CA ALA B 174 35.90 -2.05 -16.43
C ALA B 174 34.46 -2.51 -16.20
N LEU B 175 34.32 -3.62 -15.47
CA LEU B 175 33.04 -4.22 -15.08
C LEU B 175 32.44 -3.35 -13.95
N LEU B 176 31.99 -2.13 -14.28
CA LEU B 176 31.40 -1.18 -13.31
C LEU B 176 30.10 -1.72 -12.80
N ILE B 177 29.23 -2.17 -13.71
CA ILE B 177 27.93 -2.76 -13.43
C ILE B 177 27.81 -4.02 -14.28
N THR B 178 27.71 -5.18 -13.60
CA THR B 178 27.52 -6.48 -14.23
C THR B 178 26.12 -6.95 -13.83
N LEU B 179 25.35 -7.41 -14.81
CA LEU B 179 23.99 -7.88 -14.61
C LEU B 179 23.94 -9.36 -14.85
N CYS B 180 23.42 -10.10 -13.88
CA CYS B 180 23.28 -11.54 -14.01
C CYS B 180 21.85 -11.96 -13.81
N ASP B 181 21.28 -12.63 -14.80
CA ASP B 181 19.90 -13.11 -14.71
C ASP B 181 19.85 -14.61 -14.95
N ALA B 182 20.97 -15.29 -14.72
CA ALA B 182 21.08 -16.73 -14.91
C ALA B 182 20.21 -17.49 -13.93
N GLU B 183 19.52 -18.50 -14.45
CA GLU B 183 18.69 -19.41 -13.68
C GLU B 183 19.54 -20.65 -13.50
N PHE B 184 20.30 -20.67 -12.41
CA PHE B 184 21.23 -21.74 -12.08
C PHE B 184 20.50 -22.99 -11.57
N LYS B 185 21.11 -24.18 -11.85
CA LYS B 185 20.63 -25.50 -11.42
C LYS B 185 20.53 -25.53 -9.87
N ASP B 186 21.68 -25.49 -9.17
CA ASP B 186 21.76 -25.49 -7.71
C ASP B 186 22.23 -24.14 -7.16
N ARG B 187 22.02 -23.90 -5.84
CA ARG B 187 22.43 -22.65 -5.17
C ARG B 187 23.95 -22.51 -5.08
N ASP B 188 24.70 -23.60 -5.28
CA ASP B 188 26.16 -23.60 -5.26
C ASP B 188 26.69 -22.88 -6.48
N ASP B 189 25.96 -22.95 -7.61
CA ASP B 189 26.29 -22.31 -8.87
C ASP B 189 26.30 -20.79 -8.74
N PHE B 190 25.39 -20.23 -7.92
CA PHE B 190 25.30 -18.79 -7.67
C PHE B 190 26.59 -18.33 -7.01
N PHE B 191 27.07 -19.09 -6.02
CA PHE B 191 28.30 -18.83 -5.28
C PHE B 191 29.52 -18.94 -6.16
N LYS B 192 29.55 -19.93 -7.07
CA LYS B 192 30.63 -20.16 -8.02
C LYS B 192 30.82 -18.93 -8.88
N MET B 193 29.69 -18.34 -9.36
CA MET B 193 29.63 -17.15 -10.20
C MET B 193 30.11 -15.93 -9.42
N VAL B 194 29.58 -15.72 -8.22
CA VAL B 194 29.90 -14.59 -7.34
C VAL B 194 31.39 -14.60 -6.99
N ILE B 195 31.95 -15.79 -6.67
CA ILE B 195 33.36 -15.96 -6.34
C ILE B 195 34.23 -15.60 -7.54
N LEU B 196 33.83 -16.05 -8.74
CA LEU B 196 34.54 -15.77 -9.99
C LEU B 196 34.48 -14.30 -10.37
N TRP B 197 33.31 -13.65 -10.17
CA TRP B 197 33.17 -12.22 -10.42
C TRP B 197 34.17 -11.48 -9.54
N ARG B 198 34.23 -11.83 -8.22
CA ARG B 198 35.12 -11.26 -7.21
C ARG B 198 36.57 -11.46 -7.62
N LYS B 199 36.93 -12.72 -7.97
CA LYS B 199 38.27 -13.08 -8.43
C LYS B 199 38.68 -12.28 -9.67
N HIS B 200 37.74 -12.00 -10.58
CA HIS B 200 38.02 -11.20 -11.78
C HIS B 200 38.31 -9.74 -11.42
N VAL B 201 37.32 -9.05 -10.83
CA VAL B 201 37.39 -7.62 -10.47
C VAL B 201 38.58 -7.27 -9.55
N LEU B 202 39.17 -8.27 -8.85
CA LEU B 202 40.32 -8.08 -7.97
C LEU B 202 41.67 -8.47 -8.59
N SER B 203 41.66 -9.13 -9.76
CA SER B 203 42.88 -9.55 -10.48
C SER B 203 43.07 -8.75 -11.76
N CYS B 204 41.97 -8.60 -12.53
CA CYS B 204 41.90 -7.92 -13.81
C CYS B 204 42.48 -6.51 -13.79
N ARG B 205 43.53 -6.29 -14.60
CA ARG B 205 44.27 -5.04 -14.78
C ARG B 205 43.32 -3.87 -15.09
N ILE B 206 42.27 -4.13 -15.89
CA ILE B 206 41.28 -3.13 -16.31
C ILE B 206 40.39 -2.73 -15.13
N CYS B 207 39.86 -3.73 -14.40
CA CYS B 207 38.94 -3.55 -13.29
C CYS B 207 39.61 -3.04 -12.02
N THR B 208 40.83 -3.53 -11.69
CA THR B 208 41.58 -3.09 -10.51
C THR B 208 41.83 -1.58 -10.55
N THR B 209 41.84 -1.00 -11.77
CA THR B 209 41.97 0.43 -12.03
C THR B 209 40.84 1.24 -11.37
N TYR B 210 39.56 0.85 -11.58
CA TYR B 210 38.40 1.53 -10.99
C TYR B 210 38.23 1.24 -9.51
N GLY B 211 39.20 0.53 -8.96
CA GLY B 211 39.27 0.20 -7.55
C GLY B 211 38.27 -0.84 -7.11
N THR B 212 37.47 -0.49 -6.12
CA THR B 212 36.54 -1.41 -5.52
C THR B 212 35.07 -0.98 -5.71
N ASP B 213 34.82 0.13 -6.43
CA ASP B 213 33.47 0.63 -6.69
C ASP B 213 32.87 -0.06 -7.93
N LEU B 214 32.81 -1.41 -7.89
CA LEU B 214 32.32 -2.28 -8.95
C LEU B 214 31.13 -3.07 -8.43
N TYR B 215 30.09 -3.24 -9.26
CA TYR B 215 28.83 -3.82 -8.83
C TYR B 215 28.33 -5.02 -9.63
N LEU B 216 27.65 -5.94 -8.94
CA LEU B 216 27.01 -7.12 -9.49
C LEU B 216 25.55 -7.15 -9.05
N PHE B 217 24.64 -6.99 -10.00
CA PHE B 217 23.21 -7.01 -9.78
C PHE B 217 22.74 -8.34 -10.30
N ALA B 218 22.60 -9.30 -9.39
CA ALA B 218 22.29 -10.69 -9.72
C ALA B 218 20.99 -11.21 -9.15
N LYS B 219 20.35 -12.12 -9.90
CA LYS B 219 19.11 -12.82 -9.51
C LYS B 219 19.49 -13.87 -8.44
N TYR B 220 18.72 -13.92 -7.37
CA TYR B 220 18.94 -14.85 -6.26
C TYR B 220 17.62 -15.36 -5.74
N HIS B 221 17.57 -16.65 -5.32
CA HIS B 221 16.36 -17.24 -4.73
C HIS B 221 16.63 -17.39 -3.25
N ALA B 222 16.05 -16.49 -2.46
CA ALA B 222 16.20 -16.41 -1.01
C ALA B 222 15.55 -17.58 -0.30
N LYS B 223 16.36 -18.46 0.31
CA LYS B 223 15.78 -19.60 1.00
C LYS B 223 16.20 -19.60 2.48
N ASP B 224 17.32 -20.25 2.83
CA ASP B 224 17.78 -20.28 4.22
C ASP B 224 18.32 -18.92 4.68
N CYS B 225 18.33 -18.69 6.01
CA CYS B 225 18.84 -17.46 6.62
C CYS B 225 20.25 -17.63 7.16
N ASN B 226 20.90 -16.49 7.51
CA ASN B 226 22.28 -16.43 8.03
C ASN B 226 23.30 -17.07 7.06
N VAL B 227 22.99 -17.03 5.74
CA VAL B 227 23.86 -17.54 4.68
C VAL B 227 24.80 -16.40 4.30
N LYS B 228 26.06 -16.51 4.73
CA LYS B 228 27.08 -15.51 4.47
C LYS B 228 27.51 -15.54 3.00
N LEU B 229 27.61 -14.35 2.41
CA LEU B 229 28.09 -14.14 1.05
C LEU B 229 29.58 -14.50 1.03
N PRO B 230 30.22 -14.79 -0.13
CA PRO B 230 31.65 -15.10 -0.12
C PRO B 230 32.51 -13.98 0.48
N PHE B 231 33.75 -14.31 0.90
CA PHE B 231 34.66 -13.30 1.45
C PHE B 231 34.83 -12.12 0.50
N PHE B 232 34.75 -10.91 1.08
CA PHE B 232 34.88 -9.61 0.44
C PHE B 232 33.77 -9.29 -0.57
N VAL B 233 32.58 -9.92 -0.39
CA VAL B 233 31.41 -9.63 -1.22
C VAL B 233 30.31 -9.14 -0.26
N ARG B 234 29.91 -7.87 -0.41
CA ARG B 234 28.91 -7.20 0.42
C ARG B 234 27.64 -6.87 -0.37
N SER B 235 26.48 -7.15 0.22
CA SER B 235 25.18 -6.80 -0.35
C SER B 235 24.88 -5.35 0.07
N VAL B 236 24.56 -4.49 -0.92
CA VAL B 236 24.23 -3.08 -0.74
C VAL B 236 22.72 -2.91 -0.54
N ALA B 237 21.91 -3.64 -1.34
CA ALA B 237 20.46 -3.62 -1.32
C ALA B 237 19.86 -4.90 -1.90
N THR B 238 18.59 -5.18 -1.54
CA THR B 238 17.79 -6.30 -2.04
C THR B 238 16.55 -5.72 -2.70
N PHE B 239 16.28 -6.17 -3.93
CA PHE B 239 15.16 -5.69 -4.72
C PHE B 239 14.13 -6.79 -4.87
N ILE B 240 12.86 -6.48 -4.54
CA ILE B 240 11.73 -7.40 -4.64
C ILE B 240 10.85 -6.86 -5.75
N MET B 241 10.63 -7.67 -6.77
CA MET B 241 9.87 -7.27 -7.92
C MET B 241 8.46 -7.77 -7.90
N GLN B 242 7.53 -6.92 -8.39
CA GLN B 242 6.12 -7.25 -8.56
C GLN B 242 6.01 -8.37 -9.62
N GLY B 243 6.86 -8.30 -10.65
CA GLY B 243 6.87 -9.26 -11.75
C GLY B 243 7.42 -10.64 -11.46
N SER B 244 7.79 -10.92 -10.21
CA SER B 244 8.29 -12.23 -9.80
C SER B 244 7.11 -13.09 -9.38
N LYS B 245 7.22 -14.42 -9.59
CA LYS B 245 6.22 -15.41 -9.17
C LYS B 245 5.94 -15.17 -7.68
N LEU B 246 4.65 -15.04 -7.32
CA LEU B 246 4.20 -14.76 -5.97
C LEU B 246 4.58 -15.84 -4.96
N SER B 247 4.43 -17.11 -5.33
CA SER B 247 4.75 -18.25 -4.48
C SER B 247 6.25 -18.41 -4.28
N GLY B 248 7.03 -17.91 -5.23
CA GLY B 248 8.49 -17.97 -5.25
C GLY B 248 9.24 -17.19 -4.21
N SER B 249 10.58 -17.19 -4.34
CA SER B 249 11.52 -16.56 -3.42
C SER B 249 12.59 -15.76 -4.17
N GLU B 250 12.30 -15.40 -5.41
CA GLU B 250 13.20 -14.67 -6.29
C GLU B 250 13.33 -13.20 -5.91
N CYS B 251 14.58 -12.71 -5.92
CA CYS B 251 14.92 -11.32 -5.67
C CYS B 251 16.20 -10.98 -6.43
N TYR B 252 16.49 -9.69 -6.57
CA TYR B 252 17.70 -9.20 -7.21
C TYR B 252 18.53 -8.51 -6.16
N ILE B 253 19.76 -8.96 -6.01
CA ILE B 253 20.66 -8.38 -5.03
C ILE B 253 21.75 -7.53 -5.70
N LEU B 254 22.00 -6.34 -5.15
CA LEU B 254 23.05 -5.46 -5.62
C LEU B 254 24.25 -5.70 -4.72
N LEU B 255 25.29 -6.30 -5.29
CA LEU B 255 26.52 -6.68 -4.60
C LEU B 255 27.69 -5.79 -5.00
N THR B 256 28.63 -5.59 -4.06
CA THR B 256 29.86 -4.83 -4.26
C THR B 256 30.97 -5.51 -3.45
N LEU B 257 32.16 -4.94 -3.48
CA LEU B 257 33.30 -5.43 -2.73
C LEU B 257 33.36 -4.73 -1.38
N GLY B 258 33.57 -5.52 -0.32
CA GLY B 258 33.66 -5.05 1.05
C GLY B 258 33.39 -6.17 2.04
N HIS B 259 33.62 -5.95 3.36
CA HIS B 259 33.37 -6.98 4.40
C HIS B 259 32.02 -7.65 4.17
N HIS B 260 32.04 -8.99 4.03
CA HIS B 260 30.88 -9.79 3.70
C HIS B 260 29.80 -9.80 4.76
N ASN B 261 28.55 -9.76 4.29
CA ASN B 261 27.34 -9.78 5.10
C ASN B 261 26.47 -10.98 4.65
N ASN B 262 25.25 -11.11 5.22
CA ASN B 262 24.33 -12.20 4.93
C ASN B 262 23.47 -11.93 3.71
N LEU B 263 23.13 -13.00 2.99
CA LEU B 263 22.23 -12.96 1.85
C LEU B 263 20.79 -12.80 2.40
N PRO B 264 19.81 -12.29 1.61
CA PRO B 264 18.44 -12.18 2.15
C PRO B 264 17.82 -13.55 2.42
N CYS B 265 16.99 -13.64 3.44
CA CYS B 265 16.33 -14.89 3.75
C CYS B 265 14.88 -14.85 3.32
N HIS B 266 14.32 -16.03 3.10
CA HIS B 266 12.95 -16.22 2.63
C HIS B 266 11.91 -15.39 3.38
N GLY B 267 12.09 -15.25 4.70
CA GLY B 267 11.22 -14.49 5.59
C GLY B 267 11.06 -13.03 5.22
N GLU B 268 12.19 -12.28 5.17
CA GLU B 268 12.25 -10.84 4.83
C GLU B 268 11.58 -10.54 3.48
N ILE B 269 11.83 -11.41 2.48
CA ILE B 269 11.31 -11.32 1.11
C ILE B 269 9.80 -11.47 1.05
N GLN B 270 9.25 -12.47 1.79
CA GLN B 270 7.81 -12.76 1.79
C GLN B 270 6.96 -11.59 2.27
N ASN B 271 7.40 -10.83 3.28
CA ASN B 271 6.61 -9.67 3.72
C ASN B 271 6.50 -8.57 2.64
N SER B 272 7.59 -8.35 1.85
CA SER B 272 7.66 -7.37 0.75
C SER B 272 6.81 -7.81 -0.45
N LYS B 273 6.93 -9.08 -0.82
CA LYS B 273 6.22 -9.75 -1.91
C LYS B 273 4.71 -9.65 -1.67
N MET B 274 4.27 -9.89 -0.41
CA MET B 274 2.88 -9.82 0.01
C MET B 274 2.32 -8.40 -0.08
N LYS B 275 3.08 -7.39 0.40
CA LYS B 275 2.69 -6.00 0.35
C LYS B 275 2.43 -5.54 -1.09
N ILE B 276 3.35 -5.80 -2.02
CA ILE B 276 3.18 -5.45 -3.43
C ILE B 276 1.92 -6.11 -4.03
N ALA B 277 1.67 -7.39 -3.70
CA ALA B 277 0.49 -8.12 -4.21
C ALA B 277 -0.83 -7.57 -3.67
N VAL B 278 -0.89 -7.28 -2.36
CA VAL B 278 -2.06 -6.74 -1.68
C VAL B 278 -2.35 -5.27 -2.05
N CYS B 279 -1.28 -4.45 -2.16
CA CYS B 279 -1.37 -3.01 -2.34
C CYS B 279 -1.38 -2.52 -3.77
N ASN B 280 -0.56 -3.11 -4.64
CA ASN B 280 -0.34 -2.60 -5.98
C ASN B 280 -1.05 -3.33 -7.11
N ASP B 281 -1.16 -2.62 -8.24
CA ASP B 281 -1.72 -3.06 -9.52
C ASP B 281 -0.55 -3.17 -10.53
N PHE B 282 -0.67 -4.10 -11.50
CA PHE B 282 0.30 -4.26 -12.57
C PHE B 282 0.02 -3.15 -13.60
N TYR B 283 1.04 -2.35 -13.93
CA TYR B 283 0.86 -1.29 -14.92
C TYR B 283 0.87 -1.89 -16.30
N ALA B 284 0.00 -1.41 -17.17
CA ALA B 284 -0.02 -1.84 -18.55
C ALA B 284 0.95 -0.95 -19.32
N ALA B 285 1.45 -1.44 -20.46
CA ALA B 285 2.33 -0.66 -21.31
C ALA B 285 1.47 0.42 -22.00
N LYS B 286 2.01 1.66 -22.10
CA LYS B 286 1.37 2.81 -22.73
C LYS B 286 0.94 2.52 -24.17
N LYS B 287 1.81 1.84 -24.93
CA LYS B 287 1.58 1.46 -26.32
C LYS B 287 1.47 -0.05 -26.47
N LEU B 288 0.68 -0.51 -27.46
CA LEU B 288 0.46 -1.91 -27.79
C LEU B 288 1.22 -2.31 -29.07
N ASP B 289 2.16 -3.27 -28.94
CA ASP B 289 2.95 -3.82 -30.04
C ASP B 289 2.09 -4.93 -30.66
N ASN B 290 1.28 -4.55 -31.68
CA ASN B 290 0.33 -5.43 -32.38
C ASN B 290 0.96 -6.65 -33.03
N LYS B 291 2.16 -6.50 -33.62
CA LYS B 291 2.89 -7.61 -34.27
C LYS B 291 3.26 -8.69 -33.24
N SER B 292 3.66 -8.26 -32.03
CA SER B 292 4.02 -9.12 -30.91
C SER B 292 2.81 -9.83 -30.33
N ILE B 293 1.69 -9.10 -30.12
CA ILE B 293 0.44 -9.67 -29.61
C ILE B 293 -0.06 -10.77 -30.57
N GLU B 294 -0.05 -10.47 -31.89
CA GLU B 294 -0.42 -11.41 -32.96
C GLU B 294 0.46 -12.66 -32.93
N ALA B 295 1.76 -12.48 -32.59
CA ALA B 295 2.73 -13.56 -32.49
C ALA B 295 2.44 -14.43 -31.26
N ASN B 296 2.14 -13.80 -30.10
CA ASN B 296 1.81 -14.53 -28.86
C ASN B 296 0.48 -15.27 -28.97
N CYS B 297 -0.48 -14.75 -29.76
CA CYS B 297 -1.77 -15.39 -30.00
C CYS B 297 -1.59 -16.68 -30.80
N LYS B 298 -0.80 -16.61 -31.90
CA LYS B 298 -0.50 -17.76 -32.77
C LYS B 298 0.37 -18.80 -32.06
N SER B 299 1.14 -18.36 -31.05
CA SER B 299 2.00 -19.21 -30.24
C SER B 299 1.13 -20.00 -29.25
N LEU B 300 0.03 -19.40 -28.76
CA LEU B 300 -0.92 -20.02 -27.84
C LEU B 300 -1.83 -21.01 -28.58
N LEU B 301 -2.52 -20.52 -29.60
CA LEU B 301 -3.45 -21.28 -30.43
C LEU B 301 -3.20 -20.83 -31.87
N SER B 302 -2.58 -21.69 -32.68
CA SER B 302 -2.26 -21.37 -34.09
C SER B 302 -3.52 -21.03 -34.86
N GLY B 303 -3.52 -19.83 -35.44
CA GLY B 303 -4.66 -19.33 -36.20
C GLY B 303 -5.47 -18.25 -35.49
N LEU B 304 -5.23 -18.07 -34.16
CA LEU B 304 -5.91 -17.05 -33.36
C LEU B 304 -5.51 -15.65 -33.80
N ARG B 305 -6.52 -14.82 -34.11
CA ARG B 305 -6.34 -13.45 -34.59
C ARG B 305 -6.87 -12.39 -33.62
N ILE B 306 -6.39 -11.14 -33.77
CA ILE B 306 -6.82 -10.00 -32.97
C ILE B 306 -7.72 -9.07 -33.83
N PRO B 307 -8.83 -8.50 -33.28
CA PRO B 307 -9.30 -8.56 -31.88
C PRO B 307 -9.92 -9.90 -31.48
N ILE B 308 -9.65 -10.33 -30.25
CA ILE B 308 -10.20 -11.57 -29.70
C ILE B 308 -11.59 -11.24 -29.16
N ASN B 309 -12.63 -11.58 -29.93
CA ASN B 309 -14.03 -11.34 -29.55
C ASN B 309 -14.89 -12.58 -29.73
N LYS B 310 -16.21 -12.46 -29.45
CA LYS B 310 -17.21 -13.52 -29.55
C LYS B 310 -17.10 -14.27 -30.88
N LYS B 311 -17.05 -13.49 -31.99
CA LYS B 311 -16.94 -13.99 -33.37
C LYS B 311 -15.66 -14.81 -33.56
N GLU B 312 -14.51 -14.26 -33.13
CA GLU B 312 -13.18 -14.87 -33.23
C GLU B 312 -13.12 -16.23 -32.51
N LEU B 313 -13.67 -16.31 -31.29
CA LEU B 313 -13.66 -17.56 -30.52
C LEU B 313 -14.62 -18.62 -31.11
N ASN B 314 -15.77 -18.19 -31.71
CA ASN B 314 -16.70 -19.13 -32.37
C ASN B 314 -16.10 -19.68 -33.67
N ARG B 315 -15.26 -18.87 -34.35
CA ARG B 315 -14.55 -19.25 -35.57
C ARG B 315 -13.56 -20.38 -35.24
N GLN B 316 -12.86 -20.26 -34.08
CA GLN B 316 -11.90 -21.21 -33.55
C GLN B 316 -12.53 -22.53 -33.12
N ARG B 317 -13.75 -22.48 -32.56
CA ARG B 317 -14.53 -23.66 -32.15
C ARG B 317 -14.99 -24.43 -33.38
N ARG B 318 -15.37 -23.69 -34.46
CA ARG B 318 -15.81 -24.22 -35.75
C ARG B 318 -14.67 -24.94 -36.46
N LEU B 319 -13.41 -24.44 -36.34
CA LEU B 319 -12.21 -25.04 -36.93
C LEU B 319 -11.97 -26.44 -36.36
N LEU B 320 -12.28 -26.64 -35.06
CA LEU B 320 -12.13 -27.90 -34.34
C LEU B 320 -13.16 -28.95 -34.75
N THR B 321 -14.44 -28.53 -34.94
CA THR B 321 -15.55 -29.41 -35.36
C THR B 321 -15.33 -29.91 -36.80
N LEU B 322 -14.55 -29.12 -37.59
CA LEU B 322 -14.18 -29.38 -38.98
C LEU B 322 -13.07 -30.44 -39.08
N GLN B 323 -12.31 -30.66 -37.98
CA GLN B 323 -11.21 -31.65 -37.89
C GLN B 323 -11.71 -33.11 -38.07
N SER B 324 -12.86 -33.46 -37.42
CA SER B 324 -13.52 -34.77 -37.45
C SER B 324 -12.64 -35.96 -37.04
N SER B 340 -4.52 -34.83 -33.49
CA SER B 340 -5.28 -35.86 -32.77
C SER B 340 -6.22 -35.24 -31.71
N LYS B 341 -7.02 -36.10 -31.03
CA LYS B 341 -7.98 -35.71 -30.00
C LYS B 341 -7.35 -34.96 -28.81
N TRP B 342 -6.04 -35.18 -28.55
CA TRP B 342 -5.30 -34.52 -27.49
C TRP B 342 -5.09 -33.02 -27.76
N LEU B 343 -4.65 -32.68 -28.98
CA LEU B 343 -4.40 -31.29 -29.39
C LEU B 343 -5.68 -30.47 -29.48
N THR B 344 -6.83 -31.10 -29.81
CA THR B 344 -8.13 -30.44 -29.88
C THR B 344 -8.68 -30.20 -28.47
N ASN B 345 -8.36 -31.11 -27.53
CA ASN B 345 -8.74 -31.02 -26.11
C ASN B 345 -8.03 -29.83 -25.47
N LYS B 346 -6.73 -29.62 -25.82
CA LYS B 346 -5.88 -28.50 -25.39
C LYS B 346 -6.48 -27.20 -25.95
N ALA B 347 -6.88 -27.22 -27.24
CA ALA B 347 -7.47 -26.13 -27.99
C ALA B 347 -8.80 -25.67 -27.40
N ASN B 348 -9.68 -26.62 -27.02
CA ASN B 348 -10.97 -26.31 -26.41
C ASN B 348 -10.77 -25.67 -25.03
N THR B 349 -9.82 -26.20 -24.23
CA THR B 349 -9.41 -25.71 -22.91
C THR B 349 -8.98 -24.23 -23.01
N ILE B 350 -8.22 -23.88 -24.09
CA ILE B 350 -7.74 -22.52 -24.37
C ILE B 350 -8.91 -21.58 -24.71
N ILE B 351 -9.78 -21.97 -25.68
CA ILE B 351 -10.96 -21.20 -26.11
C ILE B 351 -11.94 -20.98 -24.94
N ASP B 352 -12.14 -22.01 -24.08
CA ASP B 352 -13.02 -21.94 -22.91
C ASP B 352 -12.54 -20.89 -21.91
N TRP B 353 -11.20 -20.80 -21.68
CA TRP B 353 -10.62 -19.81 -20.78
C TRP B 353 -10.78 -18.39 -21.36
N LEU B 354 -10.45 -18.21 -22.66
CA LEU B 354 -10.55 -16.91 -23.34
C LEU B 354 -12.00 -16.42 -23.37
N GLU B 355 -12.95 -17.36 -23.50
CA GLU B 355 -14.40 -17.11 -23.48
C GLU B 355 -14.81 -16.61 -22.09
N HIS B 356 -14.20 -17.20 -21.02
CA HIS B 356 -14.44 -16.81 -19.63
C HIS B 356 -13.94 -15.39 -19.38
N ILE B 357 -12.75 -15.04 -19.95
CA ILE B 357 -12.13 -13.71 -19.85
C ILE B 357 -13.00 -12.69 -20.59
N LEU B 358 -13.53 -13.07 -21.76
CA LEU B 358 -14.40 -12.25 -22.59
C LEU B 358 -15.70 -11.93 -21.86
N ASN B 359 -16.32 -12.96 -21.25
CA ASN B 359 -17.57 -12.85 -20.49
C ASN B 359 -17.32 -12.44 -19.02
N SER B 360 -16.16 -11.81 -18.74
CA SER B 360 -15.78 -11.35 -17.40
C SER B 360 -15.78 -9.82 -17.30
N PRO B 361 -16.09 -9.23 -16.13
CA PRO B 361 -16.11 -7.76 -16.03
C PRO B 361 -14.72 -7.15 -16.10
N LYS B 362 -14.61 -5.91 -16.58
CA LYS B 362 -13.31 -5.23 -16.60
C LYS B 362 -12.97 -4.84 -15.16
N GLY B 363 -11.80 -5.27 -14.73
CA GLY B 363 -11.30 -4.96 -13.41
C GLY B 363 -9.89 -4.41 -13.49
N GLU B 364 -9.31 -4.12 -12.33
CA GLU B 364 -7.95 -3.63 -12.25
C GLU B 364 -6.99 -4.83 -12.27
N LEU B 365 -5.77 -4.62 -12.78
CA LEU B 365 -4.78 -5.70 -12.87
C LEU B 365 -4.12 -5.95 -11.52
N ASN B 366 -4.80 -6.70 -10.64
CA ASN B 366 -4.27 -7.04 -9.31
C ASN B 366 -4.65 -8.45 -8.90
N TYR B 367 -3.93 -9.01 -7.90
CA TYR B 367 -4.14 -10.38 -7.43
C TYR B 367 -5.54 -10.61 -6.82
N ASP B 368 -6.23 -9.55 -6.37
CA ASP B 368 -7.60 -9.67 -5.86
C ASP B 368 -8.55 -10.02 -7.02
N PHE B 369 -8.32 -9.40 -8.19
CA PHE B 369 -9.10 -9.61 -9.41
C PHE B 369 -8.74 -10.92 -10.11
N PHE B 370 -7.43 -11.30 -10.09
CA PHE B 370 -6.94 -12.54 -10.69
C PHE B 370 -7.52 -13.76 -9.98
N GLU B 371 -7.65 -13.66 -8.63
CA GLU B 371 -8.24 -14.67 -7.76
C GLU B 371 -9.75 -14.80 -8.09
N ALA B 372 -10.42 -13.68 -8.40
CA ALA B 372 -11.84 -13.68 -8.77
C ALA B 372 -12.00 -14.39 -10.12
N LEU B 373 -11.12 -14.08 -11.10
CA LEU B 373 -11.13 -14.70 -12.43
C LEU B 373 -10.98 -16.22 -12.35
N GLU B 374 -10.00 -16.71 -11.59
CA GLU B 374 -9.76 -18.15 -11.42
C GLU B 374 -10.90 -18.85 -10.69
N ASN B 375 -11.33 -18.29 -9.53
CA ASN B 375 -12.36 -18.91 -8.69
C ASN B 375 -13.80 -18.79 -9.24
N THR B 376 -13.97 -18.18 -10.43
CA THR B 376 -15.26 -18.13 -11.13
C THR B 376 -15.21 -19.06 -12.36
N TYR B 377 -14.05 -19.66 -12.64
CA TYR B 377 -13.87 -20.62 -13.73
C TYR B 377 -13.96 -22.03 -13.13
N PRO B 378 -14.93 -22.86 -13.58
CA PRO B 378 -15.09 -24.19 -12.97
C PRO B 378 -14.01 -25.24 -13.29
N ASN B 379 -13.42 -25.17 -14.50
CA ASN B 379 -12.43 -26.14 -14.97
C ASN B 379 -10.96 -25.71 -14.75
N MET B 380 -10.66 -25.06 -13.61
CA MET B 380 -9.30 -24.58 -13.29
C MET B 380 -8.26 -25.68 -13.21
N ILE B 381 -8.62 -26.80 -12.54
CA ILE B 381 -7.69 -27.90 -12.35
C ILE B 381 -7.46 -28.67 -13.67
N LYS B 382 -8.48 -28.72 -14.55
CA LYS B 382 -8.37 -29.35 -15.86
C LYS B 382 -7.40 -28.53 -16.72
N LEU B 383 -7.47 -27.19 -16.61
CA LEU B 383 -6.63 -26.22 -17.33
C LEU B 383 -5.14 -26.40 -17.01
N ILE B 384 -4.78 -26.47 -15.70
CA ILE B 384 -3.37 -26.61 -15.27
C ILE B 384 -2.81 -27.99 -15.65
N ASP B 385 -3.69 -29.01 -15.65
CA ASP B 385 -3.33 -30.38 -15.98
C ASP B 385 -3.09 -30.55 -17.49
N ASN B 386 -3.97 -29.97 -18.32
CA ASN B 386 -3.91 -30.08 -19.78
C ASN B 386 -2.82 -29.24 -20.44
N LEU B 387 -2.61 -28.00 -19.97
CA LEU B 387 -1.63 -27.10 -20.58
C LEU B 387 -0.26 -27.13 -19.91
N GLY B 388 0.78 -27.06 -20.75
CA GLY B 388 2.18 -27.02 -20.32
C GLY B 388 2.55 -25.65 -19.78
N ASN B 389 3.71 -25.55 -19.11
CA ASN B 389 4.18 -24.31 -18.50
C ASN B 389 4.29 -23.15 -19.50
N ALA B 390 4.90 -23.40 -20.67
CA ALA B 390 5.08 -22.42 -21.73
C ALA B 390 3.76 -21.92 -22.32
N GLU B 391 2.77 -22.83 -22.48
CA GLU B 391 1.42 -22.55 -22.98
C GLU B 391 0.64 -21.68 -21.98
N ILE B 392 0.75 -22.00 -20.68
CA ILE B 392 0.09 -21.28 -19.58
C ILE B 392 0.64 -19.84 -19.47
N LYS B 393 1.96 -19.65 -19.65
CA LYS B 393 2.60 -18.33 -19.63
C LYS B 393 2.08 -17.47 -20.77
N LYS B 394 1.88 -18.09 -21.96
CA LYS B 394 1.34 -17.44 -23.15
C LYS B 394 -0.15 -17.14 -22.98
N LEU B 395 -0.89 -18.04 -22.32
CA LEU B 395 -2.31 -17.90 -22.02
C LEU B 395 -2.54 -16.67 -21.13
N ILE B 396 -1.60 -16.40 -20.18
CA ILE B 396 -1.70 -15.25 -19.27
C ILE B 396 -1.39 -13.95 -20.00
N GLU B 397 -0.41 -13.97 -20.91
CA GLU B 397 -0.03 -12.80 -21.71
C GLU B 397 -1.23 -12.36 -22.56
N VAL B 398 -1.92 -13.32 -23.21
CA VAL B 398 -3.10 -13.10 -24.05
C VAL B 398 -4.27 -12.59 -23.21
N THR B 399 -4.48 -13.18 -22.01
CA THR B 399 -5.48 -12.78 -21.02
C THR B 399 -5.27 -11.31 -20.66
N GLY B 400 -4.00 -10.94 -20.40
CA GLY B 400 -3.61 -9.58 -20.06
C GLY B 400 -3.92 -8.61 -21.16
N TYR B 401 -3.67 -9.00 -22.42
CA TYR B 401 -3.97 -8.19 -23.60
C TYR B 401 -5.48 -7.94 -23.66
N MET B 402 -6.28 -8.99 -23.41
CA MET B 402 -7.75 -8.95 -23.39
C MET B 402 -8.29 -8.05 -22.28
N LEU B 403 -7.72 -8.14 -21.07
CA LEU B 403 -8.15 -7.35 -19.92
C LEU B 403 -7.88 -5.85 -20.09
N VAL B 404 -6.74 -5.52 -20.74
CA VAL B 404 -6.30 -4.15 -21.03
C VAL B 404 -7.18 -3.58 -22.16
N SER B 405 -7.55 -4.44 -23.14
CA SER B 405 -8.40 -4.10 -24.29
C SER B 405 -9.85 -3.72 -23.93
N LYS B 406 -10.37 -4.22 -22.78
CA LYS B 406 -11.74 -3.98 -22.32
C LYS B 406 -12.11 -2.49 -22.16
N LYS B 407 -13.41 -2.16 -22.37
CA LYS B 407 -14.02 -0.83 -22.31
C LYS B 407 -13.41 0.15 -23.32
ZN ZN C . -38.31 16.13 13.73
N SAM D . -17.06 13.86 17.55
CA SAM D . -16.70 14.49 18.82
C SAM D . -15.59 15.58 18.71
O SAM D . -15.16 15.85 17.57
OXT SAM D . -15.22 16.12 19.77
CB SAM D . -16.19 13.46 19.83
CG SAM D . -17.36 12.69 20.47
SD SAM D . -16.70 11.67 21.78
CE SAM D . -15.90 10.37 20.88
C5' SAM D . -18.15 10.79 22.40
C4' SAM D . -19.08 11.65 23.25
O4' SAM D . -20.36 10.99 23.37
C3' SAM D . -18.61 11.96 24.68
O3' SAM D . -18.57 13.37 24.89
C2' SAM D . -19.64 11.26 25.56
O2' SAM D . -19.94 11.93 26.77
C1' SAM D . -20.86 11.26 24.66
N9 SAM D . -21.88 10.27 24.98
C8 SAM D . -21.70 9.07 25.62
N7 SAM D . -22.81 8.40 25.82
C5 SAM D . -23.79 9.22 25.29
C6 SAM D . -25.19 9.09 25.20
N6 SAM D . -25.88 8.07 25.72
N1 SAM D . -25.87 10.08 24.57
C2 SAM D . -25.20 11.13 24.10
N3 SAM D . -23.88 11.36 24.14
C4 SAM D . -23.22 10.36 24.75
ZN ZN E . 37.97 -6.86 -15.85
N SAM F . 17.21 -11.62 -18.62
CA SAM F . 16.99 -12.62 -19.68
C SAM F . 16.06 -12.12 -20.84
O SAM F . 15.75 -12.96 -21.71
OXT SAM F . 15.70 -10.93 -20.82
CB SAM F . 16.36 -13.90 -19.13
CG SAM F . 17.45 -14.81 -18.51
SD SAM F . 16.74 -16.41 -18.25
CE SAM F . 15.82 -16.19 -16.76
C5' SAM F . 18.11 -17.38 -17.60
C4' SAM F . 19.20 -17.67 -18.62
O4' SAM F . 20.37 -18.07 -17.87
C3' SAM F . 18.91 -18.80 -19.61
O3' SAM F . 18.97 -18.33 -20.95
C2' SAM F . 19.95 -19.87 -19.29
O2' SAM F . 20.47 -20.50 -20.47
C1' SAM F . 21.05 -19.04 -18.62
N9 SAM F . 21.94 -19.79 -17.72
C8 SAM F . 21.64 -20.86 -16.93
N7 SAM F . 22.65 -21.35 -16.28
C5 SAM F . 23.71 -20.53 -16.66
C6 SAM F . 25.08 -20.54 -16.34
N6 SAM F . 25.66 -21.47 -15.58
N1 SAM F . 25.86 -19.57 -16.89
C2 SAM F . 25.30 -18.68 -17.70
N3 SAM F . 24.03 -18.58 -18.10
C4 SAM F . 23.28 -19.55 -17.54
#